data_7C9U
#
_entry.id   7C9U
#
loop_
_entity.id
_entity.type
_entity.pdbx_description
1 polymer VP1
2 polymer VP0
3 polymer VP3
#
loop_
_entity_poly.entity_id
_entity_poly.type
_entity_poly.pdbx_seq_one_letter_code
_entity_poly.pdbx_strand_id
1 'polypeptide(L)'
;NDPESALNRAVGRVADTVASGPVNTEQIPALTAVETGHTSQVVPSDTMQTRHVINYHTRSESSIENFMGRAACVYIAQYA
TEKVNDELDRYTNWEITTRQVAQLRRKLEMFTYMRFDLEITFVITSSQRTSTTYASDSPPLTHQVMYVPPGGPIPKSYED
FAWQTSTNPSVFWTEGNAPPRMSIPFMSVGNAYCNFYDGWSHFSQSGVYGYTTLNNMGHLYFRHVNKSTAYPVNSVARVY
FKPKHVKAWVPRAPRLCPYLKARNVNFNVQGVTESRNKITLDRSTHNPLANT
;
A
2 'polypeptide(L)'
;MGAQVSTQKTGAHETGLNASGNSIIHYTNINYYKDSASNSLNRQDFTQDPSKFTEPVKDVMIKTLPALNSPTVEECGYSD
RVRSITLGNSTITTQECANVVVGYGVWPTYLSDHEATAVDQPTQPDVATCRFYTLESVKWESSSAGWWWKFPEALSDMGL
FGQNMQYHYLGRTGYTIHVQCNASKFHQGCLLVVCVPEAEMGAATTDHAFNHTKLSNIGQAMEFSAKKSTDQTGPQTAVH
NAGMGVAVGNLTIFPHQWINLRTNNSATIVMPYINSVPMDNMYRHYNFTLMVIPFAKLEHSPQASTYVPITVTVAPMCAE
YNGLRLAGHQ
;
B
3 'polypeptide(L)'
;GLPTMNTPGSTQFLTSDDFQSPSAMPQFDVTPEIQIPGQVRNLMEIAEVDSVVPVNNTEGHVNSMEAYRIPVRPQTSSGE
QVFGFQLQPGHDSVLKHTLLGEILNYYANWSGSMKLTFMYCGAAMATGKFLIAYSPPGAGVPGSRRDAMLGTHVIWDVGL
QSSCVLCVPWISQTNYRYVTSDAYTDAGYITCWYQTSIVTPPDIPTTSTILCFVSACNDFSVRLLRDTPFITQQALFQ
;
C
#
# COMPACT_ATOMS: atom_id res chain seq x y z
N HIS A 57 6.59 -2.22 -27.23
CA HIS A 57 6.64 -2.49 -25.79
C HIS A 57 5.28 -2.29 -25.14
N THR A 58 4.32 -3.11 -25.54
CA THR A 58 2.97 -3.02 -24.98
C THR A 58 2.99 -3.51 -23.53
N ARG A 59 2.60 -2.64 -22.60
CA ARG A 59 2.61 -2.97 -21.17
C ARG A 59 1.45 -3.90 -20.86
N SER A 60 1.59 -5.14 -21.30
CA SER A 60 0.52 -6.13 -21.20
C SER A 60 0.56 -6.89 -19.88
N GLU A 61 1.75 -7.18 -19.38
CA GLU A 61 1.91 -7.88 -18.11
C GLU A 61 1.95 -6.93 -16.93
N SER A 62 1.72 -5.64 -17.16
CA SER A 62 1.69 -4.65 -16.10
C SER A 62 0.30 -4.10 -15.85
N SER A 63 -0.72 -4.61 -16.55
CA SER A 63 -2.09 -4.23 -16.25
C SER A 63 -2.53 -4.91 -14.96
N ILE A 64 -3.67 -4.45 -14.45
CA ILE A 64 -4.18 -5.01 -13.20
C ILE A 64 -4.73 -6.41 -13.44
N GLU A 65 -5.36 -6.62 -14.59
CA GLU A 65 -6.00 -7.91 -14.85
C GLU A 65 -4.98 -9.00 -15.18
N ASN A 66 -3.82 -8.63 -15.70
CA ASN A 66 -2.76 -9.61 -15.85
C ASN A 66 -2.01 -9.83 -14.54
N PHE A 67 -1.99 -8.82 -13.67
CA PHE A 67 -1.30 -8.93 -12.39
C PHE A 67 -2.07 -9.83 -11.42
N MET A 68 -3.35 -9.54 -11.24
CA MET A 68 -4.16 -10.30 -10.29
C MET A 68 -4.78 -11.55 -10.91
N GLY A 69 -4.96 -11.58 -12.23
CA GLY A 69 -5.63 -12.68 -12.88
C GLY A 69 -4.79 -13.93 -13.02
N ARG A 70 -4.53 -14.60 -11.91
CA ARG A 70 -3.78 -15.84 -11.89
C ARG A 70 -4.15 -16.58 -10.62
N ALA A 71 -4.32 -17.90 -10.74
CA ALA A 71 -4.77 -18.70 -9.62
C ALA A 71 -3.69 -18.78 -8.55
N ALA A 72 -4.11 -18.64 -7.29
CA ALA A 72 -3.19 -18.70 -6.18
C ALA A 72 -3.92 -19.31 -4.99
N CYS A 73 -3.19 -20.12 -4.23
CA CYS A 73 -3.80 -20.84 -3.11
C CYS A 73 -4.12 -19.87 -1.98
N VAL A 74 -5.28 -20.06 -1.36
CA VAL A 74 -5.71 -19.19 -0.28
C VAL A 74 -6.00 -19.95 1.01
N TYR A 75 -6.32 -21.24 0.94
CA TYR A 75 -6.54 -22.04 2.14
C TYR A 75 -6.31 -23.51 1.78
N ILE A 76 -5.83 -24.27 2.76
CA ILE A 76 -5.57 -25.69 2.62
C ILE A 76 -6.40 -26.41 3.68
N ALA A 77 -7.54 -26.95 3.28
CA ALA A 77 -8.45 -27.61 4.21
C ALA A 77 -8.09 -29.07 4.36
N GLN A 78 -8.19 -29.58 5.59
CA GLN A 78 -7.84 -30.95 5.89
C GLN A 78 -9.00 -31.63 6.59
N TYR A 79 -9.40 -32.79 6.09
CA TYR A 79 -10.49 -33.55 6.68
C TYR A 79 -10.29 -35.02 6.36
N ALA A 80 -10.81 -35.88 7.23
CA ALA A 80 -10.52 -37.31 7.24
C ALA A 80 -11.81 -38.10 7.03
N THR A 81 -11.74 -39.40 7.22
CA THR A 81 -12.91 -40.25 7.07
C THR A 81 -13.30 -40.76 8.43
N GLU A 82 -12.32 -40.81 9.32
CA GLU A 82 -12.50 -41.28 10.69
C GLU A 82 -12.07 -40.13 11.58
N LYS A 83 -12.85 -39.83 12.60
CA LYS A 83 -12.49 -38.72 13.48
C LYS A 83 -11.49 -39.16 14.53
N VAL A 84 -10.26 -39.42 14.09
CA VAL A 84 -9.19 -39.84 14.97
C VAL A 84 -8.90 -38.73 15.97
N ASN A 85 -8.95 -37.51 15.49
CA ASN A 85 -8.69 -36.34 16.30
C ASN A 85 -9.78 -35.30 16.12
N ASP A 86 -9.89 -34.41 17.10
CA ASP A 86 -10.89 -33.35 17.08
C ASP A 86 -10.65 -32.44 15.89
N GLU A 87 -9.39 -32.23 15.55
CA GLU A 87 -9.01 -31.33 14.47
C GLU A 87 -9.53 -31.69 13.07
N LEU A 88 -9.46 -32.97 12.67
CA LEU A 88 -9.97 -33.30 11.35
C LEU A 88 -11.46 -33.01 11.37
N ASP A 89 -12.11 -33.49 12.42
CA ASP A 89 -13.53 -33.27 12.68
C ASP A 89 -14.43 -34.08 11.76
N ARG A 90 -13.83 -34.80 10.82
CA ARG A 90 -14.57 -35.61 9.86
C ARG A 90 -15.14 -34.71 8.76
N TYR A 91 -14.98 -33.40 8.95
CA TYR A 91 -15.42 -32.36 8.04
C TYR A 91 -14.68 -31.10 8.45
N THR A 92 -14.67 -30.07 7.61
CA THR A 92 -13.95 -28.86 7.98
C THR A 92 -14.60 -27.61 7.42
N ASN A 93 -14.45 -26.50 8.14
CA ASN A 93 -15.02 -25.24 7.70
C ASN A 93 -13.93 -24.21 7.48
N TRP A 94 -14.25 -23.19 6.69
CA TRP A 94 -13.31 -22.10 6.44
C TRP A 94 -14.10 -20.85 6.10
N GLU A 95 -14.00 -19.83 6.96
CA GLU A 95 -14.53 -18.52 6.62
C GLU A 95 -13.67 -17.89 5.54
N ILE A 96 -14.30 -17.33 4.51
CA ILE A 96 -13.58 -16.86 3.33
C ILE A 96 -12.77 -15.63 3.68
N THR A 97 -11.46 -15.72 3.51
CA THR A 97 -10.57 -14.59 3.70
C THR A 97 -9.39 -14.76 2.77
N THR A 98 -8.74 -13.64 2.47
CA THR A 98 -7.57 -13.63 1.61
C THR A 98 -6.36 -13.06 2.33
N ARG A 99 -6.31 -13.25 3.64
CA ARG A 99 -5.23 -12.72 4.46
C ARG A 99 -4.41 -13.83 5.12
N GLN A 100 -4.55 -15.06 4.63
CA GLN A 100 -3.85 -16.19 5.22
C GLN A 100 -2.63 -16.63 4.42
N VAL A 101 -2.54 -16.25 3.16
CA VAL A 101 -1.37 -16.51 2.33
C VAL A 101 -0.75 -15.17 1.97
N ALA A 102 0.57 -15.07 2.08
CA ALA A 102 1.22 -13.77 1.95
C ALA A 102 1.26 -13.29 0.51
N GLN A 103 1.34 -14.22 -0.44
CA GLN A 103 1.61 -13.85 -1.83
C GLN A 103 0.39 -13.22 -2.50
N LEU A 104 -0.81 -13.71 -2.21
CA LEU A 104 -2.00 -13.05 -2.74
C LEU A 104 -2.32 -11.80 -1.94
N ARG A 105 -1.95 -11.79 -0.66
CA ARG A 105 -2.25 -10.64 0.19
C ARG A 105 -1.45 -9.41 -0.22
N ARG A 106 -0.17 -9.60 -0.58
CA ARG A 106 0.63 -8.45 -1.00
C ARG A 106 0.22 -7.95 -2.38
N LYS A 107 -0.36 -8.82 -3.22
CA LYS A 107 -0.95 -8.35 -4.47
C LYS A 107 -2.23 -7.56 -4.21
N LEU A 108 -3.05 -8.02 -3.26
CA LEU A 108 -4.32 -7.35 -2.97
C LEU A 108 -4.11 -6.01 -2.27
N GLU A 109 -3.12 -5.93 -1.38
CA GLU A 109 -2.97 -4.79 -0.50
C GLU A 109 -2.02 -3.73 -1.06
N MET A 110 -1.77 -3.75 -2.36
CA MET A 110 -1.19 -2.58 -3.00
C MET A 110 -2.25 -1.54 -3.34
N PHE A 111 -3.53 -1.91 -3.23
CA PHE A 111 -4.63 -1.03 -3.54
C PHE A 111 -5.56 -0.96 -2.34
N THR A 112 -6.10 0.23 -2.07
CA THR A 112 -7.02 0.38 -0.96
C THR A 112 -8.37 -0.24 -1.29
N TYR A 113 -8.85 -0.08 -2.52
CA TYR A 113 -10.18 -0.50 -2.90
C TYR A 113 -10.11 -1.39 -4.13
N MET A 114 -10.74 -2.55 -4.06
CA MET A 114 -10.80 -3.49 -5.17
C MET A 114 -12.25 -3.79 -5.51
N ARG A 115 -12.45 -4.27 -6.73
CA ARG A 115 -13.78 -4.66 -7.19
C ARG A 115 -13.68 -5.94 -8.01
N PHE A 116 -12.92 -6.91 -7.51
CA PHE A 116 -12.62 -8.09 -8.29
C PHE A 116 -13.78 -9.07 -8.29
N ASP A 117 -13.99 -9.71 -9.42
CA ASP A 117 -14.85 -10.86 -9.56
C ASP A 117 -13.99 -12.12 -9.35
N LEU A 118 -14.62 -13.23 -9.00
CA LEU A 118 -13.88 -14.33 -8.41
C LEU A 118 -14.16 -15.63 -9.15
N GLU A 119 -13.15 -16.50 -9.18
CA GLU A 119 -13.28 -17.89 -9.63
C GLU A 119 -12.55 -18.77 -8.64
N ILE A 120 -13.22 -19.83 -8.19
CA ILE A 120 -12.73 -20.66 -7.10
C ILE A 120 -12.58 -22.09 -7.59
N THR A 121 -11.34 -22.58 -7.62
CA THR A 121 -11.02 -23.95 -8.01
C THR A 121 -10.43 -24.69 -6.83
N PHE A 122 -10.80 -25.95 -6.67
CA PHE A 122 -10.27 -26.82 -5.63
C PHE A 122 -9.43 -27.94 -6.24
N VAL A 123 -8.36 -28.30 -5.56
CA VAL A 123 -7.54 -29.46 -5.93
C VAL A 123 -7.59 -30.40 -4.73
N ILE A 124 -8.52 -31.34 -4.75
CA ILE A 124 -8.69 -32.29 -3.66
C ILE A 124 -7.86 -33.53 -3.96
N THR A 125 -6.95 -33.87 -3.05
CA THR A 125 -6.16 -35.08 -3.14
C THR A 125 -6.25 -35.85 -1.83
N SER A 126 -6.36 -37.17 -1.94
CA SER A 126 -6.55 -38.03 -0.78
C SER A 126 -5.34 -38.94 -0.61
N SER A 127 -5.20 -39.47 0.61
CA SER A 127 -4.08 -40.32 0.96
C SER A 127 -4.46 -41.13 2.20
N GLN A 128 -4.06 -42.40 2.22
CA GLN A 128 -4.47 -43.31 3.27
C GLN A 128 -3.80 -42.99 4.59
N ARG A 129 -4.51 -43.24 5.68
CA ARG A 129 -3.94 -43.09 7.00
C ARG A 129 -3.05 -44.29 7.32
N THR A 130 -2.04 -44.05 8.16
CA THR A 130 -1.05 -45.07 8.48
C THR A 130 -1.65 -46.08 9.44
N SER A 131 -1.88 -47.30 8.96
CA SER A 131 -2.33 -48.40 9.80
C SER A 131 -1.40 -49.59 9.64
N THR A 132 -1.78 -50.74 10.18
CA THR A 132 -0.99 -51.94 10.00
C THR A 132 -1.33 -52.69 8.72
N THR A 133 -2.57 -52.57 8.23
CA THR A 133 -2.97 -53.16 6.96
C THR A 133 -3.56 -52.07 6.07
N TYR A 134 -3.46 -52.27 4.77
CA TYR A 134 -3.97 -51.30 3.80
C TYR A 134 -4.76 -51.95 2.67
N ALA A 135 -4.88 -53.28 2.64
CA ALA A 135 -5.51 -53.96 1.52
C ALA A 135 -7.01 -53.80 1.60
N SER A 136 -7.60 -53.14 0.61
CA SER A 136 -9.04 -52.94 0.56
C SER A 136 -9.43 -52.71 -0.88
N ASP A 137 -10.74 -52.61 -1.10
CA ASP A 137 -11.28 -52.30 -2.42
C ASP A 137 -12.48 -51.40 -2.19
N SER A 138 -12.32 -50.10 -2.44
CA SER A 138 -13.38 -49.17 -2.13
C SER A 138 -13.87 -48.49 -3.40
N PRO A 139 -15.15 -48.14 -3.46
CA PRO A 139 -15.65 -47.26 -4.52
C PRO A 139 -15.03 -45.88 -4.40
N PRO A 140 -15.00 -45.10 -5.48
CA PRO A 140 -14.31 -43.81 -5.44
C PRO A 140 -15.02 -42.81 -4.53
N LEU A 141 -14.20 -41.98 -3.86
CA LEU A 141 -14.70 -41.02 -2.89
C LEU A 141 -15.36 -39.85 -3.58
N THR A 142 -16.46 -39.38 -3.00
CA THR A 142 -17.18 -38.22 -3.49
C THR A 142 -17.09 -37.12 -2.45
N HIS A 143 -16.68 -35.93 -2.88
CA HIS A 143 -16.49 -34.79 -1.98
C HIS A 143 -17.59 -33.76 -2.22
N GLN A 144 -17.90 -33.01 -1.17
CA GLN A 144 -18.94 -31.98 -1.25
C GLN A 144 -18.43 -30.69 -0.61
N VAL A 145 -18.59 -29.59 -1.33
CA VAL A 145 -18.27 -28.25 -0.83
C VAL A 145 -19.54 -27.42 -0.88
N MET A 146 -20.03 -27.00 0.28
CA MET A 146 -21.27 -26.25 0.39
C MET A 146 -20.96 -24.83 0.85
N TYR A 147 -21.10 -23.87 -0.06
CA TYR A 147 -20.89 -22.47 0.27
C TYR A 147 -22.08 -21.98 1.09
N VAL A 148 -21.85 -21.68 2.36
CA VAL A 148 -22.90 -21.18 3.24
C VAL A 148 -22.84 -19.65 3.21
N PRO A 149 -23.93 -18.97 2.84
CA PRO A 149 -23.97 -17.51 2.87
C PRO A 149 -23.90 -16.97 4.28
N PRO A 150 -23.56 -15.68 4.47
CA PRO A 150 -23.44 -15.14 5.83
C PRO A 150 -24.78 -15.08 6.54
N GLY A 151 -24.80 -15.61 7.76
CA GLY A 151 -26.00 -15.65 8.55
C GLY A 151 -26.81 -16.92 8.41
N GLY A 152 -26.54 -17.73 7.39
CA GLY A 152 -27.29 -18.94 7.16
C GLY A 152 -26.99 -20.01 8.19
N PRO A 153 -27.76 -21.09 8.18
CA PRO A 153 -27.51 -22.18 9.12
C PRO A 153 -26.27 -22.97 8.74
N ILE A 154 -25.54 -23.42 9.76
CA ILE A 154 -24.31 -24.17 9.56
C ILE A 154 -24.55 -25.63 9.96
N PRO A 155 -23.80 -26.58 9.42
CA PRO A 155 -23.89 -27.95 9.94
C PRO A 155 -23.25 -28.03 11.32
N LYS A 156 -23.99 -28.61 12.26
CA LYS A 156 -23.47 -28.74 13.62
C LYS A 156 -22.56 -29.94 13.75
N SER A 157 -22.71 -30.93 12.88
CA SER A 157 -21.92 -32.16 12.93
C SER A 157 -22.02 -32.81 11.56
N TYR A 158 -21.42 -34.00 11.44
CA TYR A 158 -21.73 -34.88 10.33
C TYR A 158 -23.11 -35.47 10.53
N GLU A 159 -23.64 -36.11 9.48
CA GLU A 159 -24.97 -36.72 9.36
C GLU A 159 -26.12 -35.72 9.57
N ASP A 160 -25.83 -34.43 9.63
CA ASP A 160 -26.83 -33.39 9.74
C ASP A 160 -27.60 -33.27 8.43
N PHE A 161 -28.74 -32.59 8.49
CA PHE A 161 -29.57 -32.35 7.32
C PHE A 161 -29.31 -30.98 6.71
N ALA A 162 -28.30 -30.25 7.20
CA ALA A 162 -27.93 -29.00 6.56
C ALA A 162 -27.13 -29.22 5.29
N TRP A 163 -26.54 -30.41 5.13
CA TRP A 163 -25.84 -30.72 3.88
C TRP A 163 -26.82 -30.98 2.74
N GLN A 164 -28.01 -31.47 3.06
CA GLN A 164 -29.09 -31.63 2.08
C GLN A 164 -29.85 -30.32 2.02
N THR A 165 -29.27 -29.36 1.29
CA THR A 165 -29.77 -27.99 1.30
C THR A 165 -30.91 -27.80 0.32
N SER A 166 -31.38 -26.57 0.24
CA SER A 166 -32.37 -26.16 -0.74
C SER A 166 -32.03 -24.85 -1.45
N THR A 167 -31.16 -24.02 -0.87
CA THR A 167 -30.74 -22.77 -1.50
C THR A 167 -29.23 -22.57 -1.51
N ASN A 168 -28.48 -23.26 -0.66
CA ASN A 168 -27.03 -23.06 -0.61
C ASN A 168 -26.37 -23.68 -1.84
N PRO A 169 -25.55 -22.93 -2.56
CA PRO A 169 -24.85 -23.51 -3.73
C PRO A 169 -23.82 -24.54 -3.28
N SER A 170 -23.94 -25.75 -3.81
CA SER A 170 -23.06 -26.85 -3.47
C SER A 170 -22.52 -27.47 -4.74
N VAL A 171 -21.43 -28.22 -4.61
CA VAL A 171 -20.82 -28.90 -5.74
C VAL A 171 -20.39 -30.29 -5.27
N PHE A 172 -20.39 -31.23 -6.20
CA PHE A 172 -19.97 -32.59 -5.93
C PHE A 172 -18.83 -32.96 -6.86
N TRP A 173 -17.99 -33.89 -6.41
CA TRP A 173 -16.82 -34.26 -7.20
C TRP A 173 -16.36 -35.66 -6.81
N THR A 174 -16.20 -36.51 -7.81
CA THR A 174 -15.62 -37.83 -7.64
C THR A 174 -14.15 -37.77 -8.00
N GLU A 175 -13.32 -38.49 -7.25
CA GLU A 175 -11.88 -38.46 -7.44
C GLU A 175 -11.49 -39.07 -8.78
N GLY A 176 -10.56 -38.41 -9.46
CA GLY A 176 -10.08 -38.84 -10.75
C GLY A 176 -10.46 -37.92 -11.89
N ASN A 177 -11.50 -37.10 -11.72
CA ASN A 177 -11.98 -36.23 -12.77
C ASN A 177 -11.16 -34.95 -12.81
N ALA A 178 -11.63 -33.96 -13.58
CA ALA A 178 -11.03 -32.65 -13.57
C ALA A 178 -11.32 -31.95 -12.25
N PRO A 179 -10.43 -31.06 -11.81
CA PRO A 179 -10.69 -30.27 -10.59
C PRO A 179 -11.91 -29.37 -10.76
N PRO A 180 -12.79 -29.33 -9.77
CA PRO A 180 -14.04 -28.57 -9.93
C PRO A 180 -13.82 -27.09 -9.65
N ARG A 181 -14.33 -26.24 -10.53
CA ARG A 181 -14.28 -24.81 -10.34
C ARG A 181 -15.67 -24.22 -10.42
N MET A 182 -15.88 -23.16 -9.65
CA MET A 182 -17.12 -22.39 -9.65
C MET A 182 -16.76 -20.91 -9.59
N SER A 183 -17.68 -20.07 -10.00
CA SER A 183 -17.47 -18.64 -9.99
C SER A 183 -18.39 -17.98 -8.97
N ILE A 184 -17.87 -16.97 -8.27
CA ILE A 184 -18.62 -16.21 -7.30
C ILE A 184 -18.53 -14.74 -7.70
N PRO A 185 -19.67 -14.04 -7.85
CA PRO A 185 -19.62 -12.63 -8.27
C PRO A 185 -19.18 -11.68 -7.15
N PHE A 186 -19.30 -10.38 -7.41
CA PHE A 186 -18.89 -9.36 -6.47
C PHE A 186 -19.82 -9.37 -5.25
N MET A 187 -19.32 -9.89 -4.13
CA MET A 187 -20.13 -10.12 -2.93
C MET A 187 -19.86 -9.00 -1.93
N SER A 188 -20.59 -7.90 -2.05
CA SER A 188 -20.40 -6.81 -1.11
C SER A 188 -21.68 -6.01 -0.97
N VAL A 189 -21.83 -5.38 0.21
CA VAL A 189 -22.93 -4.47 0.46
C VAL A 189 -22.57 -3.04 0.11
N GLY A 190 -21.35 -2.79 -0.37
CA GLY A 190 -20.92 -1.46 -0.72
C GLY A 190 -20.57 -1.38 -2.19
N ASN A 191 -19.70 -0.45 -2.56
CA ASN A 191 -19.30 -0.27 -3.94
C ASN A 191 -17.88 -0.72 -4.21
N ALA A 192 -17.15 -1.19 -3.21
CA ALA A 192 -15.81 -1.72 -3.39
C ALA A 192 -15.49 -2.65 -2.24
N TYR A 193 -14.46 -3.47 -2.44
CA TYR A 193 -13.87 -4.27 -1.37
C TYR A 193 -12.81 -3.43 -0.67
N CYS A 194 -13.00 -3.17 0.61
CA CYS A 194 -12.05 -2.38 1.39
C CYS A 194 -10.96 -3.31 1.91
N ASN A 195 -9.75 -3.17 1.37
CA ASN A 195 -8.63 -3.94 1.89
C ASN A 195 -8.14 -3.39 3.22
N PHE A 196 -8.38 -2.10 3.49
CA PHE A 196 -8.01 -1.46 4.74
C PHE A 196 -9.18 -0.61 5.21
N TYR A 197 -9.59 -0.83 6.44
CA TYR A 197 -10.66 -0.04 7.07
C TYR A 197 -10.09 0.60 8.33
N ASP A 198 -9.99 1.92 8.33
CA ASP A 198 -9.37 2.64 9.44
C ASP A 198 -10.47 3.13 10.39
N GLY A 199 -11.02 2.18 11.14
CA GLY A 199 -12.11 2.53 12.03
C GLY A 199 -12.56 1.33 12.84
N TRP A 200 -13.64 1.55 13.58
CA TRP A 200 -14.15 0.59 14.55
C TRP A 200 -15.52 0.09 14.14
N SER A 201 -15.93 -1.03 14.73
CA SER A 201 -17.23 -1.62 14.41
C SER A 201 -18.37 -0.88 15.10
N HIS A 202 -18.18 -0.51 16.36
CA HIS A 202 -19.22 0.17 17.11
C HIS A 202 -19.12 1.68 16.95
N PHE A 203 -20.25 2.36 17.18
CA PHE A 203 -20.31 3.80 17.04
C PHE A 203 -19.55 4.52 18.14
N SER A 204 -19.31 3.86 19.27
CA SER A 204 -18.56 4.43 20.38
C SER A 204 -17.06 4.17 20.26
N GLN A 205 -16.60 3.73 19.08
CA GLN A 205 -15.20 3.43 18.77
C GLN A 205 -14.62 2.37 19.71
N SER A 206 -15.21 1.18 19.63
CA SER A 206 -14.79 0.04 20.43
C SER A 206 -15.04 -1.24 19.63
N GLY A 207 -14.69 -2.37 20.24
CA GLY A 207 -14.97 -3.68 19.68
C GLY A 207 -13.90 -4.27 18.77
N VAL A 208 -13.83 -3.82 17.52
CA VAL A 208 -12.93 -4.40 16.53
C VAL A 208 -12.37 -3.27 15.68
N TYR A 209 -11.05 -3.13 15.65
CA TYR A 209 -10.37 -2.19 14.79
C TYR A 209 -9.69 -2.96 13.66
N GLY A 210 -10.10 -2.67 12.43
CA GLY A 210 -9.45 -3.26 11.29
C GLY A 210 -10.44 -3.53 10.17
N TYR A 211 -9.97 -4.29 9.19
CA TYR A 211 -10.74 -4.63 7.99
C TYR A 211 -11.66 -5.82 8.18
N THR A 212 -11.72 -6.38 9.39
CA THR A 212 -12.43 -7.64 9.60
C THR A 212 -13.94 -7.46 9.55
N THR A 213 -14.43 -6.27 9.90
CA THR A 213 -15.87 -6.03 9.89
C THR A 213 -16.44 -5.98 8.48
N LEU A 214 -15.64 -5.52 7.52
CA LEU A 214 -16.08 -5.41 6.14
C LEU A 214 -15.75 -6.64 5.31
N ASN A 215 -15.09 -7.63 5.89
CA ASN A 215 -14.79 -8.88 5.21
C ASN A 215 -15.81 -9.93 5.69
N ASN A 216 -16.94 -10.01 4.97
CA ASN A 216 -18.04 -10.91 5.34
C ASN A 216 -18.54 -11.58 4.06
N MET A 217 -17.97 -12.74 3.73
CA MET A 217 -18.30 -13.43 2.50
C MET A 217 -18.94 -14.80 2.70
N GLY A 218 -18.79 -15.42 3.87
CA GLY A 218 -19.43 -16.69 4.12
C GLY A 218 -18.48 -17.79 4.55
N HIS A 219 -18.90 -19.04 4.41
CA HIS A 219 -18.11 -20.19 4.81
C HIS A 219 -18.08 -21.22 3.70
N LEU A 220 -17.01 -22.01 3.67
CA LEU A 220 -16.91 -23.18 2.82
C LEU A 220 -16.81 -24.41 3.71
N TYR A 221 -17.69 -25.38 3.49
CA TYR A 221 -17.76 -26.58 4.30
C TYR A 221 -17.43 -27.80 3.44
N PHE A 222 -16.38 -28.51 3.84
CA PHE A 222 -15.87 -29.66 3.10
C PHE A 222 -16.24 -30.92 3.84
N ARG A 223 -16.70 -31.93 3.11
CA ARG A 223 -17.04 -33.21 3.72
C ARG A 223 -16.94 -34.31 2.67
N HIS A 224 -16.98 -35.55 3.14
CA HIS A 224 -17.02 -36.71 2.27
C HIS A 224 -18.46 -37.17 2.12
N VAL A 225 -18.88 -37.40 0.88
CA VAL A 225 -20.26 -37.83 0.66
C VAL A 225 -20.41 -39.31 1.01
N ASN A 226 -19.37 -40.11 0.77
CA ASN A 226 -19.39 -41.52 1.13
C ASN A 226 -19.45 -41.68 2.65
N LYS A 227 -20.26 -42.64 3.09
CA LYS A 227 -20.53 -42.79 4.52
C LYS A 227 -19.34 -43.39 5.25
N SER A 228 -18.73 -44.41 4.68
CA SER A 228 -17.68 -45.13 5.38
C SER A 228 -16.69 -45.72 4.39
N THR A 229 -15.43 -45.73 4.77
CA THR A 229 -14.39 -46.48 4.07
C THR A 229 -13.87 -47.56 4.99
N ALA A 230 -13.35 -48.64 4.40
CA ALA A 230 -12.91 -49.78 5.19
C ALA A 230 -11.61 -49.51 5.93
N TYR A 231 -10.90 -48.45 5.58
CA TYR A 231 -9.70 -47.97 6.26
C TYR A 231 -9.75 -46.46 6.09
N PRO A 232 -9.30 -45.70 7.09
CA PRO A 232 -9.50 -44.24 7.04
C PRO A 232 -8.57 -43.57 6.04
N VAL A 233 -9.10 -42.54 5.37
CA VAL A 233 -8.40 -41.84 4.31
C VAL A 233 -8.53 -40.34 4.55
N ASN A 234 -7.39 -39.64 4.57
CA ASN A 234 -7.37 -38.21 4.80
C ASN A 234 -7.37 -37.47 3.47
N SER A 235 -8.23 -36.46 3.35
CA SER A 235 -8.36 -35.67 2.14
C SER A 235 -7.83 -34.26 2.40
N VAL A 236 -7.15 -33.68 1.41
CA VAL A 236 -6.56 -32.36 1.50
C VAL A 236 -7.07 -31.54 0.32
N ALA A 237 -7.91 -30.54 0.59
CA ALA A 237 -8.48 -29.70 -0.44
C ALA A 237 -7.83 -28.32 -0.41
N ARG A 238 -7.21 -27.94 -1.52
CA ARG A 238 -6.46 -26.69 -1.62
C ARG A 238 -7.28 -25.71 -2.45
N VAL A 239 -7.79 -24.67 -1.80
CA VAL A 239 -8.66 -23.70 -2.47
C VAL A 239 -7.78 -22.73 -3.25
N TYR A 240 -8.13 -22.49 -4.51
CA TYR A 240 -7.40 -21.60 -5.39
C TYR A 240 -8.31 -20.45 -5.82
N PHE A 241 -7.86 -19.22 -5.60
CA PHE A 241 -8.62 -18.03 -6.02
C PHE A 241 -7.98 -17.44 -7.27
N LYS A 242 -8.82 -17.07 -8.23
CA LYS A 242 -8.38 -16.38 -9.44
C LYS A 242 -9.27 -15.15 -9.62
N PRO A 243 -8.76 -13.96 -9.30
CA PRO A 243 -9.53 -12.75 -9.56
C PRO A 243 -9.71 -12.48 -11.05
N LYS A 244 -10.76 -11.74 -11.36
CA LYS A 244 -11.09 -11.39 -12.73
C LYS A 244 -11.92 -10.12 -12.72
N HIS A 245 -11.93 -9.43 -13.87
CA HIS A 245 -12.65 -8.17 -14.07
C HIS A 245 -12.26 -7.12 -13.04
N VAL A 246 -10.96 -7.05 -12.74
CA VAL A 246 -10.48 -6.36 -11.55
C VAL A 246 -10.37 -4.87 -11.81
N LYS A 247 -10.99 -4.08 -10.94
CA LYS A 247 -10.84 -2.63 -10.93
C LYS A 247 -10.25 -2.21 -9.58
N ALA A 248 -9.17 -1.44 -9.63
CA ALA A 248 -8.43 -1.04 -8.44
C ALA A 248 -8.53 0.46 -8.23
N TRP A 249 -8.22 0.89 -7.01
CA TRP A 249 -8.29 2.29 -6.62
C TRP A 249 -7.28 2.57 -5.51
N VAL A 250 -6.75 3.79 -5.52
CA VAL A 250 -5.90 4.37 -4.46
C VAL A 250 -4.70 3.48 -4.15
N PRO A 251 -3.65 3.52 -4.96
CA PRO A 251 -2.51 2.61 -4.78
C PRO A 251 -1.75 2.88 -3.49
N ARG A 252 -1.48 1.80 -2.76
CA ARG A 252 -0.82 1.85 -1.46
C ARG A 252 0.63 1.43 -1.60
N ALA A 253 1.43 1.80 -0.60
CA ALA A 253 2.83 1.39 -0.57
C ALA A 253 2.92 -0.12 -0.38
N PRO A 254 3.90 -0.78 -0.99
CA PRO A 254 4.02 -2.22 -0.81
C PRO A 254 4.54 -2.55 0.59
N ARG A 255 4.03 -3.65 1.12
CA ARG A 255 4.29 -4.04 2.49
C ARG A 255 5.75 -4.45 2.66
N LEU A 256 6.38 -3.97 3.73
CA LEU A 256 7.77 -4.25 4.03
C LEU A 256 7.91 -5.40 5.03
N CYS A 257 7.24 -5.28 6.14
CA CYS A 257 7.37 -6.21 7.26
C CYS A 257 6.48 -7.43 7.01
N PRO A 258 6.96 -8.64 7.31
CA PRO A 258 6.14 -9.82 7.07
C PRO A 258 4.98 -9.89 8.05
N TYR A 259 3.92 -10.54 7.63
CA TYR A 259 2.67 -10.51 8.37
C TYR A 259 2.76 -11.37 9.62
N LEU A 260 1.81 -11.17 10.51
CA LEU A 260 1.84 -11.86 11.80
C LEU A 260 0.54 -12.59 12.11
N LYS A 261 -0.61 -12.02 11.76
CA LYS A 261 -1.90 -12.66 11.96
C LYS A 261 -2.72 -12.43 10.68
N ALA A 262 -4.01 -12.77 10.74
CA ALA A 262 -4.87 -12.63 9.57
C ALA A 262 -5.96 -11.58 9.72
N ARG A 263 -6.18 -11.06 10.91
CA ARG A 263 -7.28 -10.14 11.15
C ARG A 263 -6.82 -8.72 11.44
N ASN A 264 -5.56 -8.39 11.21
CA ASN A 264 -5.04 -7.07 11.55
C ASN A 264 -3.86 -6.75 10.65
N VAL A 265 -3.30 -5.56 10.84
CA VAL A 265 -2.14 -5.10 10.09
C VAL A 265 -0.94 -4.99 11.04
N ASN A 266 -0.95 -5.80 12.09
CA ASN A 266 0.13 -5.80 13.07
C ASN A 266 1.43 -6.27 12.44
N PHE A 267 2.54 -5.73 12.96
CA PHE A 267 3.84 -6.03 12.39
C PHE A 267 4.90 -5.89 13.46
N ASN A 268 6.07 -6.45 13.17
CA ASN A 268 7.29 -6.18 13.92
C ASN A 268 8.14 -5.20 13.13
N VAL A 269 9.06 -4.57 13.82
CA VAL A 269 9.85 -3.49 13.23
C VAL A 269 10.95 -4.09 12.36
N GLN A 270 11.16 -3.50 11.18
CA GLN A 270 12.22 -3.92 10.28
C GLN A 270 12.92 -2.69 9.73
N GLY A 271 14.17 -2.90 9.29
CA GLY A 271 14.86 -1.88 8.55
C GLY A 271 14.30 -1.72 7.15
N VAL A 272 14.57 -0.57 6.55
CA VAL A 272 13.97 -0.28 5.25
C VAL A 272 14.66 -1.06 4.13
N THR A 273 15.94 -1.36 4.28
CA THR A 273 16.73 -2.01 3.23
C THR A 273 17.93 -2.64 3.93
N GLU A 274 18.35 -3.82 3.48
CA GLU A 274 19.56 -4.42 4.01
C GLU A 274 20.78 -3.58 3.64
N SER A 275 21.75 -3.56 4.53
CA SER A 275 22.82 -2.58 4.53
C SER A 275 23.97 -2.99 3.62
N ARG A 276 24.82 -2.01 3.31
CA ARG A 276 26.05 -2.22 2.56
C ARG A 276 27.23 -1.68 3.37
N ASN A 277 28.43 -1.85 2.82
CA ASN A 277 29.66 -1.52 3.54
C ASN A 277 29.87 -0.01 3.63
N LYS A 278 30.04 0.64 2.50
CA LYS A 278 30.25 2.08 2.43
C LYS A 278 29.17 2.73 1.59
N ILE A 279 29.26 4.05 1.45
CA ILE A 279 28.32 4.79 0.62
C ILE A 279 28.86 5.02 -0.79
N THR A 280 30.16 4.80 -1.02
CA THR A 280 30.78 5.04 -2.31
C THR A 280 31.41 3.78 -2.85
N LEU A 281 31.50 3.70 -4.18
CA LEU A 281 32.20 2.62 -4.86
C LEU A 281 33.63 3.04 -5.14
N ASP A 282 34.54 2.06 -5.15
CA ASP A 282 35.96 2.37 -5.34
C ASP A 282 36.63 1.21 -6.07
N ARG A 283 36.89 1.41 -7.36
CA ARG A 283 37.69 0.53 -8.20
C ARG A 283 38.02 1.33 -9.46
N SER A 284 39.12 0.97 -10.12
CA SER A 284 39.56 1.67 -11.31
C SER A 284 38.64 1.44 -12.50
N ILE B 30 -17.17 -15.82 -27.94
CA ILE B 30 -18.44 -16.49 -27.69
C ILE B 30 -18.56 -16.83 -26.22
N ASN B 31 -19.58 -16.28 -25.58
CA ASN B 31 -19.88 -16.54 -24.18
C ASN B 31 -20.92 -17.65 -24.07
N TYR B 32 -20.73 -18.54 -23.12
CA TYR B 32 -21.64 -19.67 -22.95
C TYR B 32 -22.73 -19.41 -21.92
N TYR B 33 -22.55 -18.47 -21.02
CA TYR B 33 -23.40 -18.30 -19.86
C TYR B 33 -24.11 -16.96 -19.91
N LYS B 34 -24.96 -16.74 -18.91
CA LYS B 34 -25.78 -15.52 -18.84
C LYS B 34 -25.36 -14.60 -17.70
N ASP B 35 -24.38 -14.99 -16.89
CA ASP B 35 -23.92 -14.19 -15.77
C ASP B 35 -22.51 -13.70 -16.04
N SER B 36 -22.24 -12.45 -15.68
CA SER B 36 -20.93 -11.85 -15.91
C SER B 36 -19.87 -12.34 -14.94
N ALA B 37 -20.24 -13.09 -13.90
CA ALA B 37 -19.26 -13.81 -13.10
C ALA B 37 -18.66 -14.98 -13.86
N SER B 38 -19.34 -15.45 -14.90
CA SER B 38 -18.96 -16.63 -15.65
C SER B 38 -18.22 -16.31 -16.94
N ASN B 39 -17.84 -15.06 -17.16
CA ASN B 39 -17.06 -14.73 -18.35
C ASN B 39 -15.59 -15.03 -18.13
N SER B 40 -14.81 -14.85 -19.19
CA SER B 40 -13.36 -14.97 -19.12
C SER B 40 -12.75 -13.60 -18.84
N LEU B 41 -11.43 -13.55 -18.80
CA LEU B 41 -10.74 -12.32 -18.47
C LEU B 41 -10.73 -11.38 -19.67
N ASN B 42 -10.49 -10.09 -19.39
CA ASN B 42 -10.45 -9.08 -20.44
C ASN B 42 -9.01 -8.82 -20.87
N ARG B 43 -8.44 -9.84 -21.47
CA ARG B 43 -7.06 -9.76 -21.97
C ARG B 43 -7.06 -9.38 -23.45
N VAL B 82 1.02 37.19 -1.35
CA VAL B 82 0.89 37.30 -2.79
C VAL B 82 -0.45 36.69 -3.23
N ARG B 83 -0.63 35.39 -3.03
CA ARG B 83 -1.86 34.71 -3.41
C ARG B 83 -2.71 34.48 -2.17
N SER B 84 -3.99 34.87 -2.26
CA SER B 84 -4.93 34.74 -1.17
C SER B 84 -5.97 33.68 -1.50
N ILE B 85 -6.31 32.85 -0.51
CA ILE B 85 -7.33 31.82 -0.65
C ILE B 85 -8.40 32.08 0.39
N THR B 86 -9.58 32.47 -0.05
CA THR B 86 -10.66 32.88 0.85
C THR B 86 -11.72 31.78 0.93
N LEU B 87 -12.06 31.38 2.16
CA LEU B 87 -13.14 30.44 2.42
C LEU B 87 -13.98 30.99 3.55
N GLY B 88 -15.14 31.55 3.21
CA GLY B 88 -15.98 32.16 4.22
C GLY B 88 -15.37 33.46 4.68
N ASN B 89 -15.34 33.67 5.98
CA ASN B 89 -14.62 34.82 6.55
C ASN B 89 -13.25 34.37 7.08
N SER B 90 -12.41 33.90 6.16
CA SER B 90 -11.08 33.44 6.51
C SER B 90 -10.20 33.48 5.27
N THR B 91 -8.92 33.78 5.47
CA THR B 91 -7.95 33.90 4.39
C THR B 91 -6.61 33.39 4.91
N ILE B 92 -5.76 32.88 4.00
CA ILE B 92 -4.44 32.43 4.39
C ILE B 92 -3.38 33.13 3.53
N THR B 93 -2.16 33.13 4.08
CA THR B 93 -0.99 33.92 3.68
C THR B 93 0.18 33.40 4.51
N THR B 94 1.36 33.19 3.91
CA THR B 94 1.76 33.62 2.56
C THR B 94 1.83 32.49 1.55
N GLN B 95 1.29 32.75 0.37
CA GLN B 95 1.41 31.86 -0.77
C GLN B 95 1.85 32.70 -1.95
N GLU B 96 3.00 32.35 -2.53
CA GLU B 96 3.62 33.14 -3.58
C GLU B 96 3.31 32.57 -4.97
N CYS B 97 2.10 32.04 -5.13
CA CYS B 97 1.65 31.27 -6.29
C CYS B 97 2.61 30.10 -6.55
N ALA B 98 2.80 29.29 -5.52
CA ALA B 98 3.83 28.26 -5.55
C ALA B 98 3.30 26.91 -6.05
N ASN B 99 2.39 26.31 -5.29
CA ASN B 99 1.85 24.98 -5.61
C ASN B 99 0.64 24.65 -4.74
N VAL B 100 -0.46 24.24 -5.37
CA VAL B 100 -1.61 23.69 -4.65
C VAL B 100 -1.86 22.30 -5.21
N VAL B 101 -1.69 21.28 -4.39
CA VAL B 101 -1.92 19.91 -4.80
C VAL B 101 -3.40 19.59 -4.62
N VAL B 102 -4.03 19.11 -5.68
CA VAL B 102 -5.42 18.67 -5.61
C VAL B 102 -5.43 17.14 -5.73
N GLY B 103 -5.65 16.49 -4.59
CA GLY B 103 -6.00 15.09 -4.41
C GLY B 103 -5.42 14.04 -5.32
N TYR B 104 -6.25 13.14 -5.79
CA TYR B 104 -5.93 12.29 -6.94
C TYR B 104 -6.49 12.89 -8.22
N GLY B 105 -6.19 14.16 -8.47
CA GLY B 105 -6.71 14.86 -9.62
C GLY B 105 -8.16 15.25 -9.52
N VAL B 106 -8.79 15.08 -8.36
CA VAL B 106 -10.22 15.31 -8.19
C VAL B 106 -10.42 16.41 -7.16
N TRP B 107 -11.18 17.44 -7.53
CA TRP B 107 -11.62 18.55 -6.69
C TRP B 107 -12.87 18.15 -5.90
N PRO B 108 -12.92 18.45 -4.61
CA PRO B 108 -14.06 17.99 -3.77
C PRO B 108 -15.33 18.74 -4.12
N THR B 109 -16.30 18.01 -4.65
CA THR B 109 -17.59 18.55 -5.03
C THR B 109 -18.69 17.87 -4.21
N TYR B 110 -19.93 18.30 -4.44
CA TYR B 110 -21.06 17.72 -3.76
C TYR B 110 -21.44 16.39 -4.41
N LEU B 111 -22.27 15.63 -3.71
CA LEU B 111 -22.68 14.32 -4.19
C LEU B 111 -23.70 14.46 -5.31
N SER B 112 -23.65 13.53 -6.25
CA SER B 112 -24.59 13.50 -7.35
C SER B 112 -25.88 12.81 -6.90
N ASP B 113 -26.85 12.75 -7.80
CA ASP B 113 -28.13 12.11 -7.52
C ASP B 113 -28.11 10.60 -7.73
N HIS B 114 -27.05 10.07 -8.34
CA HIS B 114 -26.99 8.64 -8.60
C HIS B 114 -26.74 7.82 -7.33
N GLU B 115 -26.17 8.43 -6.31
CA GLU B 115 -25.88 7.76 -5.05
C GLU B 115 -26.96 8.14 -4.04
N ALA B 116 -27.74 7.15 -3.62
CA ALA B 116 -28.90 7.40 -2.78
C ALA B 116 -29.32 6.09 -2.11
N THR B 117 -29.60 6.13 -0.80
CA THR B 117 -29.53 7.34 0.03
C THR B 117 -28.76 7.06 1.31
N ASP B 120 -32.76 11.27 2.80
CA ASP B 120 -33.72 12.32 2.49
C ASP B 120 -33.01 13.52 1.86
N GLN B 121 -33.25 14.71 2.42
CA GLN B 121 -32.63 15.92 1.90
C GLN B 121 -31.25 16.10 2.51
N PRO B 122 -30.19 16.16 1.70
CA PRO B 122 -28.85 16.39 2.26
C PRO B 122 -28.66 17.83 2.68
N THR B 123 -28.14 18.01 3.89
CA THR B 123 -27.95 19.32 4.47
C THR B 123 -26.55 19.84 4.14
N GLN B 124 -26.48 21.05 3.62
CA GLN B 124 -25.23 21.66 3.17
C GLN B 124 -25.07 23.05 3.76
N PRO B 125 -24.54 23.16 4.98
CA PRO B 125 -24.24 24.48 5.54
C PRO B 125 -22.97 25.08 4.94
N ASP B 126 -23.10 25.80 3.81
CA ASP B 126 -21.95 26.15 2.99
C ASP B 126 -21.02 27.13 3.70
N VAL B 127 -21.50 28.32 4.02
CA VAL B 127 -20.60 29.38 4.50
C VAL B 127 -20.23 29.17 5.97
N ALA B 128 -21.13 28.67 6.80
CA ALA B 128 -20.91 28.60 8.24
C ALA B 128 -20.04 27.42 8.66
N THR B 129 -19.62 26.60 7.72
CA THR B 129 -18.82 25.43 8.04
C THR B 129 -17.51 25.38 7.25
N CYS B 130 -17.55 25.72 5.96
CA CYS B 130 -16.35 25.65 5.12
C CYS B 130 -15.48 26.86 5.41
N ARG B 131 -14.69 26.75 6.47
CA ARG B 131 -13.82 27.84 6.88
C ARG B 131 -12.57 27.26 7.52
N PHE B 132 -11.54 28.10 7.61
CA PHE B 132 -10.22 27.64 8.03
C PHE B 132 -10.15 27.57 9.55
N TYR B 133 -10.12 26.35 10.07
CA TYR B 133 -9.88 26.13 11.49
C TYR B 133 -8.40 25.91 11.74
N THR B 134 -7.91 26.51 12.82
CA THR B 134 -6.49 26.42 13.18
C THR B 134 -6.34 25.52 14.40
N LEU B 135 -5.48 24.52 14.29
CA LEU B 135 -5.25 23.56 15.35
C LEU B 135 -4.19 24.10 16.32
N GLU B 136 -3.78 23.27 17.27
CA GLU B 136 -2.69 23.65 18.16
C GLU B 136 -1.36 23.47 17.46
N SER B 137 -0.44 24.40 17.72
CA SER B 137 0.86 24.35 17.09
C SER B 137 1.75 23.33 17.77
N VAL B 138 2.71 22.79 17.01
CA VAL B 138 3.61 21.78 17.51
C VAL B 138 5.06 22.25 17.34
N LYS B 139 5.90 21.82 18.27
CA LYS B 139 7.29 22.25 18.33
C LYS B 139 8.14 21.32 17.47
N TRP B 140 8.90 21.89 16.55
CA TRP B 140 9.84 21.14 15.73
C TRP B 140 11.20 21.26 16.37
N GLU B 141 11.62 20.21 17.07
CA GLU B 141 12.92 20.18 17.71
C GLU B 141 13.91 19.48 16.79
N SER B 142 15.11 19.20 17.31
CA SER B 142 16.07 18.42 16.55
C SER B 142 15.67 16.94 16.54
N SER B 143 15.33 16.40 17.70
CA SER B 143 14.93 15.01 17.82
C SER B 143 13.41 14.86 17.73
N SER B 144 12.82 15.37 16.66
CA SER B 144 11.41 15.20 16.38
C SER B 144 11.26 14.16 15.28
N ALA B 145 10.51 13.10 15.56
CA ALA B 145 10.32 12.04 14.58
C ALA B 145 9.22 12.38 13.59
N GLY B 146 8.14 12.97 14.07
CA GLY B 146 7.01 13.30 13.23
C GLY B 146 5.72 13.24 14.02
N TRP B 147 4.64 13.69 13.38
CA TRP B 147 3.34 13.76 14.01
C TRP B 147 2.28 13.26 13.04
N TRP B 148 1.08 13.03 13.56
CA TRP B 148 -0.04 12.68 12.70
C TRP B 148 -1.34 13.12 13.37
N TRP B 149 -2.30 13.50 12.53
CA TRP B 149 -3.66 13.82 12.92
C TRP B 149 -4.60 12.94 12.10
N LYS B 150 -5.75 12.60 12.68
CA LYS B 150 -6.75 11.80 12.00
C LYS B 150 -8.01 12.63 11.80
N PHE B 151 -8.43 12.76 10.56
CA PHE B 151 -9.64 13.50 10.22
C PHE B 151 -10.74 12.53 9.78
N PRO B 152 -12.01 12.82 10.09
CA PRO B 152 -12.64 13.98 10.70
C PRO B 152 -12.70 13.96 12.23
N GLU B 153 -11.65 13.48 12.88
CA GLU B 153 -11.61 13.44 14.33
C GLU B 153 -10.87 14.63 14.92
N ALA B 154 -9.95 15.24 14.16
CA ALA B 154 -9.26 16.42 14.67
C ALA B 154 -10.09 17.68 14.51
N LEU B 155 -11.14 17.65 13.70
CA LEU B 155 -12.10 18.74 13.62
C LEU B 155 -13.37 18.45 14.40
N SER B 156 -13.24 17.72 15.53
CA SER B 156 -14.42 17.30 16.28
C SER B 156 -15.05 18.47 17.03
N ASP B 157 -14.28 19.16 17.85
CA ASP B 157 -14.78 20.34 18.58
C ASP B 157 -14.46 21.63 17.85
N MET B 158 -14.81 21.72 16.58
CA MET B 158 -14.43 22.87 15.77
C MET B 158 -15.67 23.56 15.22
N GLY B 159 -16.22 24.47 16.03
CA GLY B 159 -17.25 25.38 15.55
C GLY B 159 -18.55 24.68 15.28
N LEU B 160 -19.14 24.99 14.13
CA LEU B 160 -20.37 24.36 13.67
C LEU B 160 -20.12 23.17 12.76
N PHE B 161 -18.85 22.81 12.52
CA PHE B 161 -18.56 21.58 11.81
C PHE B 161 -18.83 20.38 12.69
N GLY B 162 -18.50 20.48 13.97
CA GLY B 162 -18.64 19.36 14.87
C GLY B 162 -20.00 19.26 15.49
N GLN B 163 -20.76 20.36 15.46
CA GLN B 163 -22.14 20.29 15.93
C GLN B 163 -23.01 19.54 14.94
N ASN B 164 -22.71 19.64 13.65
CA ASN B 164 -23.45 18.91 12.64
C ASN B 164 -23.06 17.43 12.57
N MET B 165 -21.94 17.05 13.18
CA MET B 165 -21.55 15.65 13.17
C MET B 165 -22.34 14.84 14.18
N GLN B 166 -22.66 15.44 15.32
CA GLN B 166 -23.36 14.71 16.37
C GLN B 166 -24.84 14.53 16.04
N TYR B 167 -25.44 15.53 15.43
CA TYR B 167 -26.87 15.50 15.14
C TYR B 167 -27.23 14.70 13.90
N HIS B 168 -26.24 14.26 13.14
CA HIS B 168 -26.48 13.58 11.88
C HIS B 168 -25.88 12.18 11.91
N TYR B 169 -26.50 11.27 11.16
CA TYR B 169 -26.03 9.89 11.10
C TYR B 169 -24.84 9.77 10.16
N LEU B 170 -25.02 10.15 8.89
CA LEU B 170 -23.97 10.04 7.88
C LEU B 170 -23.40 11.42 7.56
N GLY B 171 -22.19 11.41 6.99
CA GLY B 171 -21.53 12.62 6.58
C GLY B 171 -20.61 12.36 5.41
N ARG B 172 -20.15 13.45 4.80
CA ARG B 172 -19.27 13.39 3.63
C ARG B 172 -18.61 14.75 3.46
N THR B 173 -17.29 14.76 3.34
CA THR B 173 -16.58 16.04 3.24
C THR B 173 -15.25 15.87 2.52
N GLY B 174 -14.84 16.94 1.84
CA GLY B 174 -13.49 17.11 1.37
C GLY B 174 -12.76 18.13 2.24
N TYR B 175 -11.48 18.33 1.93
CA TYR B 175 -10.63 19.12 2.80
C TYR B 175 -9.69 19.99 1.99
N THR B 176 -9.04 20.91 2.69
CA THR B 176 -7.90 21.65 2.15
C THR B 176 -6.95 21.94 3.31
N ILE B 177 -6.00 21.04 3.52
CA ILE B 177 -5.09 21.11 4.64
C ILE B 177 -3.93 22.02 4.29
N HIS B 178 -3.68 23.01 5.14
CA HIS B 178 -2.68 24.03 4.89
C HIS B 178 -1.69 24.04 6.06
N VAL B 179 -0.61 23.30 5.91
CA VAL B 179 0.43 23.22 6.95
C VAL B 179 1.46 24.30 6.69
N GLN B 180 1.83 25.02 7.74
CA GLN B 180 2.66 26.20 7.61
C GLN B 180 3.73 26.21 8.70
N CYS B 181 4.98 26.35 8.27
CA CYS B 181 6.12 26.32 9.18
C CYS B 181 7.25 27.11 8.54
N ASN B 182 7.58 28.25 9.13
CA ASN B 182 8.56 29.16 8.57
C ASN B 182 9.82 29.20 9.41
N ALA B 183 10.91 29.61 8.78
CA ALA B 183 12.18 29.83 9.45
C ALA B 183 12.97 30.85 8.64
N SER B 184 14.19 31.13 9.09
CA SER B 184 15.02 32.16 8.49
C SER B 184 15.73 31.61 7.27
N LYS B 185 16.66 32.39 6.73
CA LYS B 185 17.54 31.91 5.67
C LYS B 185 18.67 31.05 6.21
N PHE B 186 18.91 31.07 7.52
CA PHE B 186 20.03 30.37 8.14
C PHE B 186 19.59 29.06 8.79
N HIS B 187 18.40 28.57 8.45
CA HIS B 187 17.90 27.30 8.94
C HIS B 187 17.93 26.28 7.82
N GLN B 188 17.66 25.02 8.18
CA GLN B 188 17.60 23.94 7.21
C GLN B 188 16.77 22.81 7.80
N GLY B 189 16.26 21.96 6.91
CA GLY B 189 15.41 20.85 7.30
C GLY B 189 14.27 20.71 6.33
N CYS B 190 13.77 19.49 6.19
CA CYS B 190 12.77 19.16 5.19
C CYS B 190 11.63 18.38 5.83
N LEU B 191 10.40 18.80 5.56
CA LEU B 191 9.22 18.10 6.05
C LEU B 191 8.52 17.40 4.90
N LEU B 192 7.80 16.33 5.24
CA LEU B 192 6.92 15.64 4.31
C LEU B 192 5.50 15.75 4.85
N VAL B 193 4.67 16.53 4.18
CA VAL B 193 3.26 16.66 4.52
C VAL B 193 2.49 15.76 3.56
N VAL B 194 1.94 14.66 4.06
CA VAL B 194 1.28 13.65 3.24
C VAL B 194 -0.11 13.40 3.81
N CYS B 195 -1.03 12.96 2.94
CA CYS B 195 -2.40 12.66 3.31
C CYS B 195 -2.66 11.19 2.98
N VAL B 196 -2.59 10.31 3.98
CA VAL B 196 -2.75 8.88 3.78
C VAL B 196 -4.21 8.52 4.00
N PRO B 197 -4.92 8.02 3.00
CA PRO B 197 -6.28 7.51 3.23
C PRO B 197 -6.23 6.09 3.76
N GLU B 198 -7.13 5.81 4.71
CA GLU B 198 -7.31 4.49 5.33
C GLU B 198 -6.02 3.97 5.96
N ALA B 199 -5.36 4.83 6.73
CA ALA B 199 -4.10 4.48 7.36
C ALA B 199 -4.37 3.59 8.56
N GLU B 200 -4.60 2.32 8.27
CA GLU B 200 -4.81 1.32 9.31
C GLU B 200 -3.49 1.06 10.01
N MET B 201 -3.38 1.50 11.26
CA MET B 201 -2.13 1.37 11.99
C MET B 201 -2.08 0.05 12.73
N GLY B 202 -0.87 -0.49 12.85
CA GLY B 202 -0.66 -1.74 13.55
C GLY B 202 -0.51 -1.52 15.04
N ALA B 203 -0.36 -2.62 15.77
CA ALA B 203 -0.23 -2.56 17.21
C ALA B 203 1.23 -2.46 17.61
N ALA B 204 1.48 -1.70 18.68
CA ALA B 204 2.82 -1.65 19.25
C ALA B 204 3.17 -2.98 19.89
N THR B 205 2.39 -3.37 20.89
CA THR B 205 2.44 -4.73 21.42
C THR B 205 1.48 -5.57 20.59
N THR B 206 2.03 -6.58 19.91
CA THR B 206 1.21 -7.49 19.12
C THR B 206 0.34 -8.35 20.03
N ASP B 207 -0.62 -9.04 19.41
CA ASP B 207 -1.75 -9.76 20.01
C ASP B 207 -2.38 -9.06 21.22
N HIS B 208 -2.52 -7.74 21.12
CA HIS B 208 -3.15 -6.94 22.18
C HIS B 208 -3.67 -5.67 21.51
N ALA B 209 -4.98 -5.57 21.37
CA ALA B 209 -5.59 -4.46 20.65
C ALA B 209 -5.45 -3.15 21.42
N PHE B 210 -5.32 -2.06 20.69
CA PHE B 210 -5.11 -0.76 21.30
C PHE B 210 -6.41 0.00 21.45
N ASN B 211 -6.36 1.04 22.27
CA ASN B 211 -7.46 1.95 22.51
C ASN B 211 -7.51 3.03 21.44
N HIS B 212 -8.68 3.63 21.27
CA HIS B 212 -8.84 4.66 20.25
C HIS B 212 -8.22 5.99 20.66
N THR B 213 -8.05 6.23 21.96
CA THR B 213 -7.47 7.48 22.42
C THR B 213 -5.98 7.57 22.10
N LYS B 214 -5.31 6.43 21.98
CA LYS B 214 -3.91 6.41 21.59
C LYS B 214 -3.73 6.53 20.09
N LEU B 215 -4.79 6.33 19.31
CA LEU B 215 -4.73 6.56 17.87
C LEU B 215 -4.92 8.03 17.55
N SER B 216 -5.99 8.63 18.06
CA SER B 216 -6.28 10.03 17.81
C SER B 216 -7.14 10.58 18.94
N ASN B 217 -6.66 11.64 19.59
CA ASN B 217 -7.45 12.33 20.58
C ASN B 217 -8.30 13.40 19.88
N ILE B 218 -8.92 14.27 20.66
CA ILE B 218 -9.80 15.28 20.08
C ILE B 218 -8.95 16.45 19.62
N GLY B 219 -8.46 16.37 18.38
CA GLY B 219 -7.67 17.46 17.83
C GLY B 219 -6.27 17.58 18.38
N GLN B 220 -5.76 16.53 19.01
CA GLN B 220 -4.45 16.56 19.65
C GLN B 220 -3.44 15.82 18.78
N ALA B 221 -2.27 16.44 18.61
CA ALA B 221 -1.27 15.94 17.67
C ALA B 221 -0.58 14.72 18.25
N MET B 222 -0.84 13.57 17.66
CA MET B 222 -0.18 12.34 18.08
C MET B 222 1.17 12.26 17.38
N GLU B 223 2.23 12.08 18.16
CA GLU B 223 3.57 12.13 17.60
C GLU B 223 4.17 10.73 17.45
N PHE B 224 5.10 10.62 16.50
CA PHE B 224 5.80 9.37 16.21
C PHE B 224 6.92 9.15 17.23
N SER B 225 7.78 8.18 16.95
CA SER B 225 8.97 7.96 17.75
C SER B 225 10.08 7.46 16.84
N ALA B 226 11.32 7.60 17.32
CA ALA B 226 12.45 7.17 16.52
C ALA B 226 12.71 5.68 16.63
N LYS B 227 12.42 5.09 17.78
CA LYS B 227 12.61 3.68 18.02
C LYS B 227 11.26 2.97 18.12
N LYS B 228 11.32 1.66 18.34
CA LYS B 228 10.10 0.89 18.50
C LYS B 228 9.44 1.18 19.84
N SER B 229 8.12 1.04 19.87
CA SER B 229 7.36 1.26 21.09
C SER B 229 7.21 -0.05 21.85
N THR B 230 6.82 0.08 23.12
CA THR B 230 6.54 -1.07 23.98
C THR B 230 5.21 -0.86 24.71
N ASP B 231 4.39 0.06 24.22
CA ASP B 231 3.08 0.29 24.80
C ASP B 231 2.16 -0.90 24.54
N GLN B 232 1.42 -1.29 25.57
CA GLN B 232 0.53 -2.45 25.44
C GLN B 232 -0.75 -2.09 24.68
N THR B 233 -1.22 -0.87 24.81
CA THR B 233 -2.48 -0.46 24.21
C THR B 233 -2.31 0.79 23.36
N GLY B 234 -1.21 0.87 22.61
CA GLY B 234 -0.99 1.95 21.70
C GLY B 234 -0.59 1.48 20.31
N PRO B 235 -0.51 2.40 19.35
CA PRO B 235 -0.02 2.04 18.03
C PRO B 235 1.50 1.95 18.01
N GLN B 236 2.02 1.31 16.96
CA GLN B 236 3.46 1.17 16.77
C GLN B 236 3.98 2.44 16.12
N THR B 237 4.74 3.24 16.88
CA THR B 237 5.12 4.58 16.45
C THR B 237 6.55 4.66 15.93
N ALA B 238 7.04 3.59 15.30
CA ALA B 238 8.35 3.64 14.66
C ALA B 238 8.22 4.40 13.36
N VAL B 239 8.93 5.53 13.25
CA VAL B 239 8.65 6.47 12.16
C VAL B 239 9.22 6.00 10.83
N HIS B 240 10.22 5.13 10.82
CA HIS B 240 10.74 4.63 9.56
C HIS B 240 9.91 3.51 8.99
N ASN B 241 8.87 3.07 9.71
CA ASN B 241 7.88 2.13 9.19
C ASN B 241 6.51 2.76 9.07
N ALA B 242 6.40 4.07 9.31
CA ALA B 242 5.22 4.92 9.14
C ALA B 242 4.04 4.52 10.02
N GLY B 243 4.22 3.61 10.96
CA GLY B 243 3.12 3.12 11.76
C GLY B 243 2.16 2.19 11.05
N MET B 244 2.47 1.76 9.84
CA MET B 244 1.55 0.98 9.04
C MET B 244 2.09 -0.38 8.63
N GLY B 245 3.37 -0.47 8.28
CA GLY B 245 3.94 -1.73 7.86
C GLY B 245 4.67 -1.61 6.55
N VAL B 246 4.93 -0.38 6.12
CA VAL B 246 5.56 -0.11 4.84
C VAL B 246 6.90 0.57 5.12
N ALA B 247 7.61 0.93 4.07
CA ALA B 247 8.75 1.82 4.20
C ALA B 247 8.25 3.26 4.10
N VAL B 248 8.79 4.13 4.96
CA VAL B 248 8.32 5.52 5.00
C VAL B 248 8.78 6.29 3.77
N GLY B 249 9.78 5.79 3.04
CA GLY B 249 10.20 6.44 1.82
C GLY B 249 9.25 6.26 0.66
N ASN B 250 8.33 5.31 0.76
CA ASN B 250 7.38 5.01 -0.30
C ASN B 250 6.06 5.74 -0.11
N LEU B 251 6.03 6.77 0.72
CA LEU B 251 4.79 7.49 1.02
C LEU B 251 4.49 8.59 0.03
N THR B 252 5.16 8.63 -1.11
CA THR B 252 4.93 9.70 -2.06
C THR B 252 3.83 9.39 -3.07
N ILE B 253 3.32 8.16 -3.09
CA ILE B 253 2.17 7.87 -3.93
C ILE B 253 0.89 8.50 -3.36
N PHE B 254 0.81 8.65 -2.05
CA PHE B 254 -0.29 9.37 -1.47
C PHE B 254 -0.12 10.87 -1.75
N PRO B 255 -1.21 11.62 -1.84
CA PRO B 255 -1.11 13.04 -2.20
C PRO B 255 -0.36 13.84 -1.14
N HIS B 256 0.64 14.59 -1.58
CA HIS B 256 1.60 15.15 -0.65
C HIS B 256 2.25 16.38 -1.25
N GLN B 257 3.10 17.03 -0.44
CA GLN B 257 3.89 18.16 -0.85
C GLN B 257 5.07 18.27 0.11
N TRP B 258 6.27 18.44 -0.44
CA TRP B 258 7.47 18.57 0.38
C TRP B 258 7.62 20.01 0.85
N ILE B 259 7.81 20.19 2.15
CA ILE B 259 8.21 21.48 2.70
C ILE B 259 9.73 21.50 2.76
N ASN B 260 10.34 22.41 2.03
CA ASN B 260 11.76 22.65 2.11
C ASN B 260 11.94 24.00 2.76
N LEU B 261 12.71 24.05 3.86
CA LEU B 261 12.95 25.32 4.53
C LEU B 261 13.86 26.23 3.72
N ARG B 262 14.51 25.69 2.68
CA ARG B 262 15.27 26.49 1.75
C ARG B 262 14.36 27.29 0.81
N THR B 263 13.21 26.71 0.41
CA THR B 263 12.43 27.36 -0.65
C THR B 263 10.91 27.27 -0.51
N ASN B 264 10.34 26.66 0.52
CA ASN B 264 8.91 26.44 0.47
C ASN B 264 8.11 27.16 1.56
N ASN B 265 8.44 26.89 2.82
CA ASN B 265 7.85 27.42 4.06
C ASN B 265 6.39 27.06 4.29
N SER B 266 5.71 26.32 3.40
CA SER B 266 4.32 25.95 3.59
C SER B 266 3.96 24.80 2.65
N ALA B 267 2.76 24.26 2.85
CA ALA B 267 2.24 23.18 2.01
C ALA B 267 0.73 23.21 2.05
N THR B 268 0.08 23.10 0.90
CA THR B 268 -1.37 23.16 0.78
C THR B 268 -1.84 22.05 -0.13
N ILE B 269 -2.59 21.09 0.43
CA ILE B 269 -3.14 19.97 -0.32
C ILE B 269 -4.66 20.00 -0.19
N VAL B 270 -5.34 19.93 -1.33
CA VAL B 270 -6.79 19.83 -1.37
C VAL B 270 -7.16 18.37 -1.57
N MET B 271 -7.88 17.80 -0.60
CA MET B 271 -8.21 16.39 -0.63
C MET B 271 -9.69 16.19 -0.90
N PRO B 272 -10.05 15.31 -1.83
CA PRO B 272 -11.46 15.01 -2.07
C PRO B 272 -11.94 13.95 -1.08
N TYR B 273 -13.18 13.54 -1.25
CA TYR B 273 -13.72 12.47 -0.42
C TYR B 273 -13.31 11.13 -1.01
N ILE B 274 -12.55 10.35 -0.25
CA ILE B 274 -12.07 9.05 -0.70
C ILE B 274 -12.66 8.00 0.23
N ASN B 275 -13.55 7.17 -0.32
CA ASN B 275 -14.17 6.08 0.42
C ASN B 275 -14.72 5.09 -0.60
N SER B 276 -15.18 3.95 -0.10
CA SER B 276 -15.86 2.96 -0.92
C SER B 276 -17.37 3.12 -0.89
N VAL B 277 -17.87 4.07 -0.13
CA VAL B 277 -19.30 4.35 -0.02
C VAL B 277 -19.50 5.84 -0.24
N PRO B 278 -20.68 6.25 -0.71
CA PRO B 278 -20.91 7.69 -0.89
C PRO B 278 -20.93 8.50 0.39
N MET B 279 -21.50 7.96 1.47
CA MET B 279 -21.51 8.65 2.76
C MET B 279 -21.06 7.69 3.85
N ASP B 280 -20.77 8.23 5.02
CA ASP B 280 -20.19 7.45 6.10
C ASP B 280 -20.38 8.19 7.42
N ASN B 281 -20.56 7.41 8.49
CA ASN B 281 -20.69 7.99 9.82
C ASN B 281 -19.34 8.47 10.31
N MET B 282 -19.23 9.77 10.56
CA MET B 282 -17.92 10.38 10.84
C MET B 282 -17.55 10.30 12.32
N TYR B 283 -17.68 9.13 12.91
CA TYR B 283 -17.13 8.87 14.23
C TYR B 283 -16.35 7.57 14.31
N ARG B 284 -16.81 6.52 13.65
CA ARG B 284 -16.22 5.20 13.78
C ARG B 284 -15.39 4.83 12.57
N HIS B 285 -14.92 5.82 11.81
CA HIS B 285 -14.10 5.56 10.63
C HIS B 285 -13.31 6.82 10.34
N TYR B 286 -12.00 6.79 10.60
CA TYR B 286 -11.13 7.88 10.19
C TYR B 286 -10.91 7.79 8.69
N ASN B 287 -11.39 8.80 7.96
CA ASN B 287 -11.39 8.73 6.50
C ASN B 287 -9.98 8.81 5.94
N PHE B 288 -9.13 9.64 6.52
CA PHE B 288 -7.73 9.72 6.14
C PHE B 288 -6.96 10.31 7.31
N THR B 289 -5.63 10.28 7.20
CA THR B 289 -4.79 10.89 8.20
C THR B 289 -3.82 11.85 7.53
N LEU B 290 -3.30 12.79 8.32
CA LEU B 290 -2.30 13.74 7.84
C LEU B 290 -1.02 13.50 8.62
N MET B 291 -0.03 12.93 7.97
CA MET B 291 1.28 12.71 8.58
C MET B 291 2.20 13.85 8.19
N VAL B 292 2.92 14.38 9.16
CA VAL B 292 3.96 15.38 8.93
C VAL B 292 5.26 14.79 9.46
N ILE B 293 6.12 14.33 8.57
CA ILE B 293 7.32 13.59 8.93
C ILE B 293 8.54 14.37 8.44
N PRO B 294 9.46 14.77 9.31
CA PRO B 294 10.71 15.37 8.85
C PRO B 294 11.68 14.33 8.31
N PHE B 295 12.16 14.55 7.09
CA PHE B 295 13.14 13.66 6.48
C PHE B 295 14.56 14.17 6.68
N ALA B 296 14.77 15.48 6.54
CA ALA B 296 16.01 16.12 6.95
C ALA B 296 15.72 16.88 8.24
N LYS B 297 16.52 16.63 9.27
CA LYS B 297 16.21 17.17 10.58
C LYS B 297 16.55 18.65 10.65
N LEU B 298 15.89 19.35 11.57
CA LEU B 298 16.06 20.79 11.71
C LEU B 298 17.38 21.08 12.41
N GLU B 299 18.34 21.63 11.67
CA GLU B 299 19.61 22.07 12.24
C GLU B 299 19.72 23.57 12.05
N HIS B 300 20.14 24.27 13.09
CA HIS B 300 20.39 25.70 13.02
C HIS B 300 21.61 26.02 13.86
N SER B 301 22.11 27.25 13.70
CA SER B 301 23.17 27.73 14.57
C SER B 301 22.60 27.93 15.97
N PRO B 302 23.41 27.68 17.00
CA PRO B 302 22.91 27.84 18.38
C PRO B 302 22.60 29.28 18.76
N GLN B 303 23.14 30.26 18.05
CA GLN B 303 22.82 31.65 18.28
C GLN B 303 21.63 32.14 17.48
N ALA B 304 20.97 31.26 16.74
CA ALA B 304 19.79 31.60 15.98
C ALA B 304 18.56 31.47 16.86
N SER B 305 17.37 31.51 16.26
CA SER B 305 16.14 31.25 17.00
C SER B 305 15.92 29.75 17.12
N THR B 306 15.39 29.33 18.27
CA THR B 306 15.26 27.91 18.57
C THR B 306 13.85 27.39 18.34
N TYR B 307 12.84 28.09 18.83
CA TYR B 307 11.46 27.61 18.75
C TYR B 307 10.96 27.78 17.33
N VAL B 308 10.83 26.67 16.61
CA VAL B 308 10.28 26.67 15.25
C VAL B 308 8.96 25.92 15.27
N PRO B 309 7.82 26.60 15.23
CA PRO B 309 6.54 25.92 15.33
C PRO B 309 5.92 25.57 13.99
N ILE B 310 5.15 24.48 14.00
CA ILE B 310 4.42 24.01 12.82
C ILE B 310 2.94 24.12 13.13
N THR B 311 2.18 24.68 12.21
CA THR B 311 0.77 24.96 12.43
C THR B 311 -0.05 24.34 11.30
N VAL B 312 -1.15 23.69 11.66
CA VAL B 312 -2.00 22.99 10.70
C VAL B 312 -3.32 23.74 10.62
N THR B 313 -3.71 24.15 9.41
CA THR B 313 -4.92 24.94 9.18
C THR B 313 -5.77 24.19 8.16
N VAL B 314 -6.82 23.53 8.62
CA VAL B 314 -7.67 22.68 7.80
C VAL B 314 -8.99 23.38 7.58
N ALA B 315 -9.56 23.24 6.39
CA ALA B 315 -10.91 23.69 6.14
C ALA B 315 -11.69 22.59 5.43
N PRO B 316 -12.92 22.33 5.86
CA PRO B 316 -13.77 21.40 5.11
C PRO B 316 -14.22 22.02 3.80
N MET B 317 -14.59 21.16 2.85
CA MET B 317 -15.00 21.60 1.53
C MET B 317 -16.17 20.75 1.06
N CYS B 318 -17.32 21.40 0.86
CA CYS B 318 -18.57 20.79 0.40
C CYS B 318 -19.01 19.65 1.32
N ALA B 319 -19.29 20.01 2.57
CA ALA B 319 -19.70 19.05 3.58
C ALA B 319 -21.19 18.77 3.47
N GLU B 320 -21.55 17.49 3.46
CA GLU B 320 -22.94 17.06 3.40
C GLU B 320 -23.24 16.14 4.57
N TYR B 321 -24.52 16.08 4.94
CA TYR B 321 -24.96 15.22 6.03
C TYR B 321 -26.35 14.68 5.72
N ASN B 322 -26.68 13.58 6.38
CA ASN B 322 -28.02 13.01 6.37
C ASN B 322 -28.28 12.33 7.69
N GLY B 323 -29.51 11.84 7.85
CA GLY B 323 -29.89 11.08 9.02
C GLY B 323 -29.97 11.92 10.28
N LEU B 324 -30.91 12.86 10.30
CA LEU B 324 -31.02 13.78 11.42
C LEU B 324 -31.77 13.12 12.56
N ARG B 325 -31.07 12.93 13.69
CA ARG B 325 -31.67 12.38 14.90
C ARG B 325 -31.09 13.15 16.08
N LEU B 326 -31.29 12.65 17.29
CA LEU B 326 -30.72 13.23 18.50
C LEU B 326 -29.19 13.20 18.44
N ALA B 327 -28.57 14.03 19.28
CA ALA B 327 -27.13 14.24 19.24
C ALA B 327 -26.39 13.01 19.75
N GLY B 328 -25.41 12.55 18.96
CA GLY B 328 -24.68 11.32 19.23
C GLY B 328 -23.71 11.40 20.40
N HIS B 329 -22.79 10.44 20.52
CA HIS B 329 -22.51 9.44 19.48
C HIS B 329 -22.38 8.04 20.05
N GLN B 330 -23.27 7.68 20.98
CA GLN B 330 -23.20 6.39 21.66
C GLN B 330 -23.63 5.21 20.78
N GLY C 1 -24.16 -38.52 -30.78
CA GLY C 1 -23.89 -37.10 -30.83
C GLY C 1 -22.72 -36.75 -31.72
N LEU C 2 -22.17 -35.56 -31.50
CA LEU C 2 -21.02 -35.08 -32.28
C LEU C 2 -19.78 -35.86 -31.88
N PRO C 3 -19.11 -36.55 -32.80
CA PRO C 3 -17.90 -37.31 -32.44
C PRO C 3 -16.74 -36.37 -32.14
N THR C 4 -16.23 -36.45 -30.92
CA THR C 4 -15.12 -35.64 -30.46
C THR C 4 -13.89 -36.51 -30.25
N MET C 5 -12.77 -35.87 -29.92
CA MET C 5 -11.52 -36.58 -29.67
C MET C 5 -10.69 -35.74 -28.70
N ASN C 6 -10.38 -36.31 -27.53
CA ASN C 6 -9.64 -35.57 -26.51
C ASN C 6 -8.19 -35.40 -26.90
N THR C 7 -7.76 -34.16 -27.05
CA THR C 7 -6.36 -33.84 -27.29
C THR C 7 -5.61 -33.85 -25.97
N PRO C 8 -4.28 -34.03 -25.99
CA PRO C 8 -3.49 -33.88 -24.77
C PRO C 8 -3.58 -32.47 -24.22
N GLY C 9 -3.60 -32.36 -22.90
CA GLY C 9 -3.89 -31.11 -22.24
C GLY C 9 -5.29 -31.01 -21.69
N SER C 10 -6.15 -31.98 -21.93
CA SER C 10 -7.45 -32.02 -21.30
C SER C 10 -7.30 -32.47 -19.85
N THR C 11 -8.41 -32.31 -19.09
CA THR C 11 -8.60 -32.56 -17.66
C THR C 11 -7.42 -32.17 -16.76
N GLN C 12 -6.78 -31.04 -17.05
CA GLN C 12 -5.69 -30.53 -16.25
C GLN C 12 -6.08 -29.18 -15.65
N PHE C 13 -5.25 -28.71 -14.72
CA PHE C 13 -5.42 -27.39 -14.12
C PHE C 13 -4.11 -26.63 -14.34
N LEU C 14 -4.02 -25.94 -15.46
CA LEU C 14 -3.01 -24.90 -15.62
C LEU C 14 -3.43 -23.71 -14.78
N THR C 15 -2.55 -23.25 -13.89
CA THR C 15 -2.96 -22.19 -12.97
C THR C 15 -3.05 -20.82 -13.63
N SER C 16 -2.58 -20.67 -14.87
CA SER C 16 -2.72 -19.45 -15.64
C SER C 16 -3.63 -19.65 -16.84
N ASP C 17 -4.64 -20.50 -16.68
CA ASP C 17 -5.60 -20.78 -17.75
C ASP C 17 -6.68 -19.71 -17.79
N ASP C 18 -7.35 -19.63 -18.93
CA ASP C 18 -8.41 -18.65 -19.15
C ASP C 18 -9.64 -19.38 -19.68
N PHE C 19 -10.44 -19.94 -18.77
CA PHE C 19 -11.60 -20.71 -19.13
C PHE C 19 -12.81 -20.22 -18.35
N GLN C 20 -13.98 -20.39 -18.95
CA GLN C 20 -15.22 -20.02 -18.30
C GLN C 20 -15.63 -21.10 -17.29
N SER C 21 -16.59 -20.76 -16.43
CA SER C 21 -16.98 -21.66 -15.36
C SER C 21 -18.41 -21.36 -14.98
N PRO C 22 -19.18 -22.36 -14.55
CA PRO C 22 -20.55 -22.07 -14.11
C PRO C 22 -20.57 -21.28 -12.81
N SER C 23 -21.50 -20.33 -12.73
CA SER C 23 -21.58 -19.45 -11.57
C SER C 23 -22.25 -20.17 -10.40
N ALA C 24 -21.85 -19.77 -9.19
CA ALA C 24 -22.46 -20.35 -8.00
C ALA C 24 -23.75 -19.65 -7.63
N MET C 25 -23.75 -18.31 -7.65
CA MET C 25 -24.93 -17.51 -7.38
C MET C 25 -25.40 -16.87 -8.68
N PRO C 26 -26.32 -17.49 -9.41
CA PRO C 26 -26.77 -16.91 -10.67
C PRO C 26 -27.78 -15.79 -10.45
N GLN C 27 -27.89 -14.94 -11.48
CA GLN C 27 -28.80 -13.78 -11.53
C GLN C 27 -28.55 -12.81 -10.37
N PHE C 28 -27.30 -12.72 -9.94
CA PHE C 28 -26.96 -11.91 -8.77
C PHE C 28 -26.88 -10.44 -9.17
N ASP C 29 -27.52 -9.58 -8.38
CA ASP C 29 -27.54 -8.14 -8.65
C ASP C 29 -26.38 -7.48 -7.93
N VAL C 30 -25.41 -7.02 -8.69
CA VAL C 30 -24.22 -6.39 -8.14
C VAL C 30 -24.52 -4.93 -7.85
N THR C 31 -24.07 -4.44 -6.69
CA THR C 31 -24.22 -3.04 -6.34
C THR C 31 -23.45 -2.17 -7.32
N PRO C 32 -23.95 -0.98 -7.68
CA PRO C 32 -23.36 -0.23 -8.78
C PRO C 32 -22.00 0.36 -8.43
N GLU C 33 -21.12 0.40 -9.42
CA GLU C 33 -19.86 1.09 -9.27
C GLU C 33 -20.10 2.59 -9.29
N ILE C 34 -19.27 3.33 -8.56
CA ILE C 34 -19.41 4.77 -8.43
C ILE C 34 -18.05 5.41 -8.69
N GLN C 35 -18.00 6.73 -8.52
CA GLN C 35 -16.77 7.48 -8.68
C GLN C 35 -15.95 7.38 -7.40
N ILE C 36 -14.78 6.77 -7.50
CA ILE C 36 -13.78 6.77 -6.43
C ILE C 36 -12.50 7.35 -7.02
N PRO C 37 -11.88 8.35 -6.39
CA PRO C 37 -10.71 8.97 -6.99
C PRO C 37 -9.47 8.10 -6.91
N GLY C 38 -8.71 8.07 -7.99
CA GLY C 38 -7.43 7.39 -8.01
C GLY C 38 -7.49 5.97 -8.53
N GLN C 39 -8.22 5.75 -9.62
CA GLN C 39 -8.32 4.42 -10.22
C GLN C 39 -7.02 4.10 -10.95
N VAL C 40 -6.43 2.96 -10.64
CA VAL C 40 -5.18 2.52 -11.25
C VAL C 40 -5.51 1.43 -12.26
N ARG C 41 -5.10 1.65 -13.51
CA ARG C 41 -5.35 0.68 -14.57
C ARG C 41 -4.11 -0.13 -14.92
N ASN C 42 -2.95 0.20 -14.36
CA ASN C 42 -1.69 -0.38 -14.80
C ASN C 42 -0.65 -0.18 -13.71
N LEU C 43 0.21 -1.19 -13.50
CA LEU C 43 1.23 -1.09 -12.46
C LEU C 43 2.35 -0.14 -12.81
N MET C 44 2.50 0.22 -14.09
CA MET C 44 3.56 1.14 -14.48
C MET C 44 3.26 2.58 -14.04
N GLU C 45 1.98 2.93 -13.92
CA GLU C 45 1.59 4.24 -13.42
C GLU C 45 1.89 4.42 -11.94
N ILE C 46 2.14 3.34 -11.21
CA ILE C 46 2.68 3.43 -9.87
C ILE C 46 4.18 3.66 -9.90
N ALA C 47 4.89 2.98 -10.81
CA ALA C 47 6.34 3.13 -10.93
C ALA C 47 6.73 4.46 -11.54
N GLU C 48 5.80 5.20 -12.15
CA GLU C 48 6.06 6.59 -12.52
C GLU C 48 6.30 7.46 -11.29
N VAL C 49 5.66 7.16 -10.16
CA VAL C 49 5.69 8.04 -9.00
C VAL C 49 7.04 7.92 -8.32
N ASP C 50 7.62 9.06 -7.97
CA ASP C 50 8.91 9.11 -7.29
C ASP C 50 8.81 8.52 -5.89
N SER C 51 9.97 8.14 -5.36
CA SER C 51 10.10 7.62 -4.00
C SER C 51 11.54 7.79 -3.59
N VAL C 52 11.76 8.21 -2.36
CA VAL C 52 13.11 8.60 -1.94
C VAL C 52 13.92 7.36 -1.62
N VAL C 53 15.18 7.36 -2.09
CA VAL C 53 16.05 6.19 -2.09
C VAL C 53 16.88 6.15 -0.81
N PRO C 54 16.89 5.04 -0.08
CA PRO C 54 17.79 4.94 1.07
C PRO C 54 19.23 4.72 0.65
N VAL C 55 19.91 5.80 0.29
CA VAL C 55 21.29 5.70 -0.20
C VAL C 55 22.24 5.44 0.96
N ASN C 56 21.99 6.05 2.12
CA ASN C 56 22.89 5.91 3.26
C ASN C 56 22.58 4.66 4.08
N ASN C 57 22.51 3.49 3.44
CA ASN C 57 22.18 2.25 4.14
C ASN C 57 23.45 1.54 4.58
N THR C 58 24.10 2.14 5.58
CA THR C 58 25.26 1.55 6.23
C THR C 58 24.90 1.34 7.69
N GLU C 59 24.78 0.08 8.10
CA GLU C 59 24.27 -0.27 9.43
C GLU C 59 25.20 0.25 10.54
N GLY C 60 24.60 0.75 11.62
CA GLY C 60 23.16 0.84 11.84
C GLY C 60 22.45 2.12 11.47
N HIS C 61 22.32 2.41 10.17
CA HIS C 61 21.50 3.52 9.71
C HIS C 61 20.18 3.08 9.10
N VAL C 62 20.01 1.78 8.83
CA VAL C 62 18.80 1.30 8.17
C VAL C 62 17.62 1.15 9.11
N ASN C 63 17.84 1.22 10.42
CA ASN C 63 16.77 1.12 11.40
C ASN C 63 16.27 2.49 11.83
N SER C 64 16.71 3.56 11.17
CA SER C 64 16.33 4.91 11.52
C SER C 64 16.11 5.71 10.25
N MET C 65 15.81 6.99 10.41
CA MET C 65 15.57 7.85 9.27
C MET C 65 16.84 8.28 8.57
N GLU C 66 18.01 7.98 9.14
CA GLU C 66 19.28 8.46 8.61
C GLU C 66 19.71 7.77 7.34
N ALA C 67 19.05 6.67 6.95
CA ALA C 67 19.39 5.99 5.72
C ALA C 67 19.00 6.79 4.48
N TYR C 68 18.09 7.74 4.61
CA TYR C 68 17.65 8.55 3.48
C TYR C 68 18.43 9.85 3.37
N ARG C 69 19.41 10.09 4.23
CA ARG C 69 20.10 11.37 4.31
C ARG C 69 21.55 11.19 3.86
N ILE C 70 21.92 11.82 2.76
CA ILE C 70 23.28 11.79 2.24
C ILE C 70 24.00 13.03 2.77
N PRO C 71 25.05 12.88 3.56
CA PRO C 71 25.64 14.06 4.22
C PRO C 71 26.68 14.77 3.37
N VAL C 72 26.47 16.05 3.10
CA VAL C 72 27.45 16.86 2.41
C VAL C 72 27.93 17.96 3.34
N ARG C 73 29.11 18.49 3.01
CA ARG C 73 29.88 19.34 3.91
C ARG C 73 30.99 19.98 3.10
N PRO C 74 31.54 21.11 3.57
CA PRO C 74 32.68 21.71 2.87
C PRO C 74 33.93 20.85 2.94
N GLN C 75 34.72 20.93 1.88
CA GLN C 75 35.85 20.04 1.65
C GLN C 75 37.14 20.83 1.65
N THR C 76 38.26 20.10 1.73
CA THR C 76 39.59 20.69 1.63
C THR C 76 40.29 20.36 0.32
N SER C 77 39.82 19.35 -0.40
CA SER C 77 40.35 19.01 -1.71
C SER C 77 39.16 18.65 -2.59
N SER C 78 38.97 19.42 -3.67
CA SER C 78 37.80 19.24 -4.51
C SER C 78 37.91 17.98 -5.35
N GLY C 79 36.77 17.50 -5.81
CA GLY C 79 36.70 16.37 -6.70
C GLY C 79 36.52 15.01 -6.04
N GLU C 80 35.81 14.95 -4.92
CA GLU C 80 35.65 13.70 -4.20
C GLU C 80 34.21 13.19 -4.30
N GLN C 81 34.05 11.92 -3.94
CA GLN C 81 32.79 11.22 -4.13
C GLN C 81 31.86 11.44 -2.95
N VAL C 82 30.57 11.56 -3.25
CA VAL C 82 29.55 11.70 -2.23
C VAL C 82 28.89 10.34 -2.04
N PHE C 83 28.37 9.76 -3.12
CA PHE C 83 27.75 8.45 -3.06
C PHE C 83 27.93 7.75 -4.41
N GLY C 84 27.62 6.46 -4.42
CA GLY C 84 27.67 5.70 -5.65
C GLY C 84 27.17 4.28 -5.50
N PHE C 85 26.29 3.84 -6.39
CA PHE C 85 25.67 2.54 -6.27
C PHE C 85 25.53 1.90 -7.63
N GLN C 86 25.63 0.58 -7.67
CA GLN C 86 25.43 -0.17 -8.90
C GLN C 86 23.98 -0.08 -9.34
N LEU C 87 23.77 0.17 -10.63
CA LEU C 87 22.42 0.34 -11.16
C LEU C 87 21.77 -1.01 -11.41
N GLN C 88 21.39 -1.67 -10.31
CA GLN C 88 20.67 -2.94 -10.37
C GLN C 88 19.32 -2.73 -9.70
N PRO C 89 18.33 -2.23 -10.44
CA PRO C 89 17.01 -2.02 -9.84
C PRO C 89 16.31 -3.35 -9.61
N GLY C 90 15.96 -3.61 -8.36
CA GLY C 90 15.41 -4.88 -7.96
C GLY C 90 16.43 -5.84 -7.37
N HIS C 91 17.71 -5.56 -7.52
CA HIS C 91 18.72 -6.47 -6.99
C HIS C 91 19.74 -5.78 -6.10
N ASP C 92 20.14 -4.56 -6.43
CA ASP C 92 21.09 -3.82 -5.59
C ASP C 92 20.41 -3.38 -4.32
N SER C 93 21.06 -3.59 -3.18
CA SER C 93 20.46 -3.30 -1.88
C SER C 93 20.56 -1.83 -1.53
N VAL C 94 20.10 -0.96 -2.44
CA VAL C 94 20.01 0.48 -2.20
C VAL C 94 18.59 0.89 -2.55
N LEU C 95 18.15 0.53 -3.75
CA LEU C 95 16.83 0.92 -4.24
C LEU C 95 16.00 -0.28 -4.65
N LYS C 96 16.34 -1.47 -4.16
CA LYS C 96 15.50 -2.64 -4.38
C LYS C 96 14.22 -2.57 -3.58
N HIS C 97 14.25 -2.02 -2.39
CA HIS C 97 13.07 -1.89 -1.55
C HIS C 97 12.35 -0.56 -1.75
N THR C 98 12.64 0.13 -2.84
CA THR C 98 11.92 1.35 -3.17
C THR C 98 10.63 0.99 -3.90
N LEU C 99 9.90 2.02 -4.32
CA LEU C 99 8.63 1.80 -4.99
C LEU C 99 8.82 1.28 -6.41
N LEU C 100 9.94 1.61 -7.06
CA LEU C 100 10.24 1.04 -8.36
C LEU C 100 10.76 -0.38 -8.22
N GLY C 101 11.64 -0.61 -7.25
CA GLY C 101 12.24 -1.93 -7.09
C GLY C 101 11.28 -2.98 -6.59
N GLU C 102 10.35 -2.61 -5.70
CA GLU C 102 9.37 -3.56 -5.20
C GLU C 102 8.33 -3.93 -6.24
N ILE C 103 8.13 -3.08 -7.25
CA ILE C 103 7.29 -3.45 -8.39
C ILE C 103 8.08 -4.29 -9.37
N LEU C 104 9.35 -3.96 -9.57
CA LEU C 104 10.22 -4.71 -10.46
C LEU C 104 10.48 -6.12 -9.97
N ASN C 105 10.45 -6.34 -8.65
CA ASN C 105 10.74 -7.66 -8.11
C ASN C 105 9.63 -8.68 -8.35
N TYR C 106 8.46 -8.24 -8.78
CA TYR C 106 7.40 -9.15 -9.20
C TYR C 106 7.58 -9.65 -10.63
N TYR C 107 8.68 -9.28 -11.29
CA TYR C 107 8.92 -9.64 -12.67
C TYR C 107 10.33 -10.17 -12.81
N ALA C 108 10.69 -10.56 -14.04
CA ALA C 108 12.01 -11.07 -14.33
C ALA C 108 12.71 -10.31 -15.44
N ASN C 109 12.10 -9.24 -15.95
CA ASN C 109 12.68 -8.46 -17.03
C ASN C 109 12.31 -7.00 -16.83
N TRP C 110 13.18 -6.10 -17.26
CA TRP C 110 12.89 -4.67 -17.22
C TRP C 110 13.60 -3.99 -18.37
N SER C 111 13.00 -2.91 -18.86
CA SER C 111 13.53 -2.18 -20.00
C SER C 111 12.95 -0.78 -19.98
N GLY C 112 13.80 0.22 -19.82
CA GLY C 112 13.33 1.59 -19.85
C GLY C 112 14.31 2.53 -19.23
N SER C 113 14.08 3.81 -19.46
CA SER C 113 14.91 4.85 -18.89
C SER C 113 14.47 5.15 -17.48
N MET C 114 15.43 5.30 -16.58
CA MET C 114 15.16 5.66 -15.20
C MET C 114 15.51 7.13 -14.98
N LYS C 115 14.87 7.72 -13.98
CA LYS C 115 15.05 9.14 -13.68
C LYS C 115 15.38 9.30 -12.22
N LEU C 116 16.50 9.97 -11.93
CA LEU C 116 16.94 10.22 -10.57
C LEU C 116 16.75 11.70 -10.26
N THR C 117 15.97 12.00 -9.24
CA THR C 117 15.74 13.36 -8.78
C THR C 117 16.45 13.55 -7.45
N PHE C 118 17.32 14.55 -7.38
CA PHE C 118 18.05 14.86 -6.16
C PHE C 118 17.54 16.18 -5.61
N MET C 119 17.63 16.34 -4.30
CA MET C 119 17.08 17.51 -3.63
C MET C 119 17.99 17.90 -2.48
N TYR C 120 18.49 19.13 -2.50
CA TYR C 120 19.43 19.60 -1.50
C TYR C 120 18.66 20.24 -0.35
N CYS C 121 18.64 19.57 0.79
CA CYS C 121 17.92 20.06 1.97
C CYS C 121 18.89 20.77 2.91
N GLY C 122 19.57 21.79 2.37
CA GLY C 122 20.51 22.58 3.13
C GLY C 122 19.98 23.95 3.46
N ALA C 123 20.89 24.79 3.96
CA ALA C 123 20.53 26.16 4.30
C ALA C 123 20.36 26.98 3.03
N ALA C 124 19.56 28.04 3.14
CA ALA C 124 19.26 28.87 1.98
C ALA C 124 20.45 29.73 1.55
N MET C 125 21.37 30.01 2.46
CA MET C 125 22.56 30.80 2.14
C MET C 125 23.72 29.96 1.67
N ALA C 126 23.57 28.64 1.62
CA ALA C 126 24.63 27.72 1.25
C ALA C 126 24.56 27.43 -0.24
N THR C 127 25.72 27.33 -0.87
CA THR C 127 25.80 27.11 -2.31
C THR C 127 26.90 26.11 -2.63
N GLY C 128 26.95 25.69 -3.89
CA GLY C 128 27.94 24.76 -4.36
C GLY C 128 27.46 24.01 -5.57
N LYS C 129 28.38 23.35 -6.25
CA LYS C 129 28.10 22.61 -7.47
C LYS C 129 28.47 21.16 -7.31
N PHE C 130 27.68 20.28 -7.92
CA PHE C 130 27.90 18.84 -7.88
C PHE C 130 27.92 18.30 -9.30
N LEU C 131 28.72 17.26 -9.51
CA LEU C 131 28.76 16.53 -10.77
C LEU C 131 28.11 15.17 -10.55
N ILE C 132 26.97 14.94 -11.18
CA ILE C 132 26.23 13.69 -11.05
C ILE C 132 26.39 12.94 -12.37
N ALA C 133 27.27 11.95 -12.38
CA ALA C 133 27.60 11.23 -13.61
C ALA C 133 26.90 9.88 -13.67
N TYR C 134 26.85 9.33 -14.88
CA TYR C 134 26.42 7.95 -15.10
C TYR C 134 27.32 7.33 -16.15
N SER C 135 28.01 6.27 -15.78
CA SER C 135 28.92 5.60 -16.70
C SER C 135 28.32 4.29 -17.17
N PRO C 136 28.24 4.06 -18.47
CA PRO C 136 27.78 2.76 -19.00
C PRO C 136 28.71 1.63 -18.56
N PRO C 137 28.20 0.35 -18.50
CA PRO C 137 28.88 -0.73 -17.76
C PRO C 137 30.33 -0.98 -18.11
N GLY C 138 30.60 -1.35 -19.37
CA GLY C 138 31.92 -1.45 -19.97
C GLY C 138 33.02 -2.06 -19.13
N ALA C 139 34.05 -1.26 -18.84
CA ALA C 139 35.08 -1.63 -17.88
C ALA C 139 35.72 -0.35 -17.39
N GLY C 140 35.60 -0.06 -16.09
CA GLY C 140 34.72 -0.75 -15.16
C GLY C 140 33.83 0.27 -14.49
N VAL C 141 33.96 0.37 -13.17
CA VAL C 141 33.39 1.48 -12.40
C VAL C 141 34.45 2.56 -12.32
N PRO C 142 34.09 3.84 -12.53
CA PRO C 142 35.12 4.89 -12.50
C PRO C 142 35.57 5.19 -11.08
N GLY C 143 36.80 5.70 -10.99
CA GLY C 143 37.40 5.90 -9.69
C GLY C 143 37.82 7.33 -9.39
N SER C 144 37.44 8.26 -10.26
CA SER C 144 37.75 9.67 -10.05
C SER C 144 36.76 10.51 -10.85
N ARG C 145 36.74 11.81 -10.54
CA ARG C 145 35.91 12.74 -11.30
C ARG C 145 36.45 12.92 -12.72
N ARG C 146 37.77 12.93 -12.87
CA ARG C 146 38.40 12.99 -14.19
C ARG C 146 38.09 11.74 -15.00
N ASP C 147 37.89 10.61 -14.34
CA ASP C 147 37.41 9.41 -15.03
C ASP C 147 35.91 9.46 -15.22
N ALA C 148 35.16 9.83 -14.19
CA ALA C 148 33.70 9.91 -14.32
C ALA C 148 33.25 11.32 -14.72
N MET C 149 33.91 11.86 -15.73
CA MET C 149 33.36 12.97 -16.49
C MET C 149 33.28 12.61 -17.97
N LEU C 150 33.80 11.46 -18.37
CA LEU C 150 33.86 11.07 -19.77
C LEU C 150 32.61 10.37 -20.26
N GLY C 151 31.62 10.19 -19.39
CA GLY C 151 30.35 9.59 -19.78
C GLY C 151 29.21 10.58 -19.81
N THR C 152 28.08 10.20 -19.24
CA THR C 152 26.90 11.07 -19.17
C THR C 152 26.82 11.70 -17.80
N HIS C 153 26.80 13.02 -17.75
CA HIS C 153 26.79 13.72 -16.47
C HIS C 153 25.96 15.00 -16.59
N VAL C 154 25.51 15.49 -15.44
CA VAL C 154 24.93 16.82 -15.32
C VAL C 154 25.67 17.53 -14.19
N ILE C 155 25.79 18.85 -14.31
CA ILE C 155 26.47 19.66 -13.32
C ILE C 155 25.41 20.49 -12.61
N TRP C 156 25.06 20.07 -11.40
CA TRP C 156 23.97 20.65 -10.63
C TRP C 156 24.54 21.69 -9.67
N ASP C 157 24.14 22.93 -9.86
CA ASP C 157 24.46 24.01 -8.92
C ASP C 157 23.29 24.18 -7.97
N VAL C 158 23.55 24.08 -6.66
CA VAL C 158 22.48 24.17 -5.67
C VAL C 158 22.14 25.60 -5.32
N GLY C 159 22.85 26.58 -5.90
CA GLY C 159 22.46 27.96 -5.76
C GLY C 159 21.32 28.33 -6.67
N LEU C 160 21.36 27.82 -7.90
CA LEU C 160 20.31 28.13 -8.88
C LEU C 160 19.02 27.39 -8.57
N GLN C 161 19.07 26.07 -8.58
CA GLN C 161 17.90 25.24 -8.34
C GLN C 161 18.18 24.27 -7.21
N SER C 162 17.13 23.96 -6.46
CA SER C 162 17.24 23.02 -5.35
C SER C 162 17.05 21.58 -5.78
N SER C 163 16.46 21.34 -6.95
CA SER C 163 16.23 20.01 -7.46
C SER C 163 16.89 19.86 -8.82
N CYS C 164 17.51 18.70 -9.04
CA CYS C 164 18.07 18.34 -10.33
C CYS C 164 17.41 17.05 -10.81
N VAL C 165 17.54 16.79 -12.11
CA VAL C 165 17.01 15.58 -12.72
C VAL C 165 18.09 14.99 -13.60
N LEU C 166 18.49 13.76 -13.31
CA LEU C 166 19.44 13.01 -14.12
C LEU C 166 18.65 11.86 -14.75
N CYS C 167 18.35 11.98 -16.04
CA CYS C 167 17.58 10.96 -16.74
C CYS C 167 18.54 9.91 -17.26
N VAL C 168 18.59 8.76 -16.59
CA VAL C 168 19.48 7.67 -16.96
C VAL C 168 18.93 6.98 -18.19
N PRO C 169 19.62 7.03 -19.32
CA PRO C 169 19.06 6.48 -20.57
C PRO C 169 19.17 4.97 -20.62
N TRP C 170 18.54 4.40 -21.65
CA TRP C 170 18.57 2.97 -21.89
C TRP C 170 19.64 2.71 -22.95
N ILE C 171 20.85 2.41 -22.49
CA ILE C 171 21.96 2.06 -23.37
C ILE C 171 22.33 0.62 -23.02
N SER C 172 21.76 -0.34 -23.75
CA SER C 172 21.99 -1.75 -23.48
C SER C 172 22.25 -2.47 -24.79
N GLN C 173 22.79 -3.69 -24.67
CA GLN C 173 23.04 -4.54 -25.82
C GLN C 173 21.90 -5.51 -26.08
N THR C 174 20.90 -5.56 -25.21
CA THR C 174 19.74 -6.42 -25.36
C THR C 174 18.50 -5.54 -25.50
N ASN C 175 17.34 -6.18 -25.53
CA ASN C 175 16.09 -5.46 -25.37
C ASN C 175 15.70 -5.34 -23.90
N TYR C 176 15.97 -6.37 -23.11
CA TYR C 176 15.59 -6.41 -21.70
C TYR C 176 16.79 -6.79 -20.84
N ARG C 177 16.76 -6.35 -19.60
CA ARG C 177 17.71 -6.78 -18.59
C ARG C 177 16.97 -7.54 -17.50
N TYR C 178 17.67 -8.45 -16.85
CA TYR C 178 17.05 -9.22 -15.78
C TYR C 178 17.01 -8.38 -14.51
N VAL C 179 16.01 -8.66 -13.67
CA VAL C 179 15.95 -8.05 -12.35
C VAL C 179 17.03 -8.63 -11.45
N THR C 180 17.05 -9.95 -11.30
CA THR C 180 18.15 -10.59 -10.59
C THR C 180 19.38 -10.57 -11.50
N SER C 181 20.18 -9.53 -11.38
CA SER C 181 21.20 -9.21 -12.36
C SER C 181 22.36 -10.21 -12.30
N ASP C 182 23.07 -10.29 -13.42
CA ASP C 182 24.21 -11.18 -13.56
C ASP C 182 25.28 -10.45 -14.38
N ALA C 183 26.31 -11.19 -14.78
CA ALA C 183 27.40 -10.59 -15.55
C ALA C 183 27.03 -10.34 -17.00
N TYR C 184 25.94 -10.95 -17.48
CA TYR C 184 25.56 -10.81 -18.87
C TYR C 184 25.03 -9.41 -19.16
N THR C 185 24.11 -8.93 -18.35
CA THR C 185 23.46 -7.64 -18.57
C THR C 185 23.68 -6.77 -17.34
N ASP C 186 24.83 -6.09 -17.30
CA ASP C 186 25.04 -5.02 -16.35
C ASP C 186 24.39 -3.74 -16.87
N ALA C 187 24.07 -2.83 -15.96
CA ALA C 187 23.41 -1.60 -16.37
C ALA C 187 24.20 -0.34 -16.10
N GLY C 188 25.33 -0.43 -15.41
CA GLY C 188 26.19 0.71 -15.24
C GLY C 188 26.28 1.16 -13.80
N TYR C 189 26.79 2.37 -13.62
CA TYR C 189 27.10 2.90 -12.30
C TYR C 189 26.64 4.34 -12.21
N ILE C 190 25.98 4.68 -11.11
CA ILE C 190 25.64 6.05 -10.78
C ILE C 190 26.65 6.51 -9.74
N THR C 191 27.24 7.69 -9.94
CA THR C 191 28.11 8.31 -8.96
C THR C 191 27.75 9.79 -8.85
N CYS C 192 28.28 10.42 -7.79
CA CYS C 192 28.17 11.85 -7.58
C CYS C 192 29.51 12.37 -7.09
N TRP C 193 29.91 13.54 -7.57
CA TRP C 193 31.23 14.09 -7.27
C TRP C 193 31.10 15.56 -6.90
N TYR C 194 31.94 15.99 -5.96
CA TYR C 194 32.04 17.40 -5.64
C TYR C 194 32.66 18.14 -6.80
N GLN C 195 31.90 19.03 -7.43
CA GLN C 195 32.48 19.83 -8.51
C GLN C 195 33.44 20.86 -7.95
N THR C 196 32.96 21.76 -7.09
CA THR C 196 33.84 22.71 -6.43
C THR C 196 33.90 22.48 -4.92
N SER C 197 32.82 22.76 -4.19
CA SER C 197 32.78 22.74 -2.72
C SER C 197 31.38 23.08 -2.23
N ILE C 198 31.21 23.15 -0.91
CA ILE C 198 30.05 23.78 -0.29
C ILE C 198 30.55 25.03 0.42
N VAL C 199 30.06 26.19 0.00
CA VAL C 199 30.54 27.48 0.49
C VAL C 199 29.41 28.14 1.27
N THR C 200 29.57 28.23 2.58
CA THR C 200 28.58 28.81 3.45
C THR C 200 29.12 30.07 4.11
N PRO C 201 28.25 31.02 4.47
CA PRO C 201 28.65 32.09 5.38
C PRO C 201 28.77 31.56 6.80
N PRO C 202 29.29 32.35 7.75
CA PRO C 202 29.29 31.91 9.14
C PRO C 202 27.89 31.78 9.72
N ASP C 203 27.83 31.18 10.92
CA ASP C 203 26.61 30.83 11.65
C ASP C 203 25.69 29.91 10.83
N ILE C 204 26.29 28.97 10.12
CA ILE C 204 25.55 27.93 9.41
C ILE C 204 26.13 26.59 9.83
N PRO C 205 25.29 25.58 10.11
CA PRO C 205 25.82 24.25 10.45
C PRO C 205 26.61 23.63 9.31
N THR C 206 27.64 22.88 9.68
CA THR C 206 28.63 22.40 8.72
C THR C 206 28.20 21.15 7.97
N THR C 207 27.04 20.58 8.29
CA THR C 207 26.61 19.33 7.67
C THR C 207 25.21 19.49 7.11
N SER C 208 25.02 19.02 5.88
CA SER C 208 23.74 19.18 5.20
C SER C 208 23.23 17.82 4.72
N THR C 209 22.19 17.82 3.89
CA THR C 209 21.52 16.59 3.51
C THR C 209 21.04 16.69 2.08
N ILE C 210 21.34 15.68 1.26
CA ILE C 210 20.73 15.51 -0.06
C ILE C 210 19.87 14.25 -0.01
N LEU C 211 18.63 14.36 -0.48
CA LEU C 211 17.79 13.20 -0.70
C LEU C 211 17.80 12.84 -2.18
N CYS C 212 17.65 11.55 -2.46
CA CYS C 212 17.66 11.04 -3.83
C CYS C 212 16.39 10.28 -4.09
N PHE C 213 15.75 10.54 -5.23
CA PHE C 213 14.45 9.98 -5.58
C PHE C 213 14.60 9.17 -6.86
N VAL C 214 13.87 8.05 -6.96
CA VAL C 214 13.91 7.24 -8.17
C VAL C 214 12.48 7.07 -8.69
N SER C 215 12.37 7.01 -10.01
CA SER C 215 11.10 6.77 -10.68
C SER C 215 11.38 6.09 -12.00
N ALA C 216 10.36 6.02 -12.85
CA ALA C 216 10.46 5.41 -14.17
C ALA C 216 9.90 6.36 -15.20
N CYS C 217 10.51 6.38 -16.38
CA CYS C 217 10.07 7.25 -17.45
C CYS C 217 9.00 6.55 -18.28
N ASN C 218 8.57 7.18 -19.36
CA ASN C 218 7.45 6.66 -20.16
C ASN C 218 7.82 5.43 -20.97
N ASP C 219 9.11 5.11 -21.11
CA ASP C 219 9.53 3.95 -21.88
C ASP C 219 9.81 2.74 -21.01
N PHE C 220 9.40 2.77 -19.75
CA PHE C 220 9.62 1.64 -18.86
C PHE C 220 8.63 0.53 -19.19
N SER C 221 9.10 -0.71 -19.10
CA SER C 221 8.27 -1.87 -19.39
C SER C 221 8.80 -3.07 -18.62
N VAL C 222 7.89 -4.00 -18.32
CA VAL C 222 8.21 -5.23 -17.59
C VAL C 222 7.66 -6.43 -18.34
N ARG C 223 8.08 -7.61 -17.89
CA ARG C 223 7.78 -8.86 -18.58
C ARG C 223 8.04 -10.01 -17.61
N LEU C 224 7.44 -11.16 -17.94
CA LEU C 224 7.69 -12.45 -17.29
C LEU C 224 7.36 -12.41 -15.79
N LEU C 225 6.06 -12.29 -15.52
CA LEU C 225 5.55 -12.19 -14.15
C LEU C 225 5.88 -13.42 -13.34
N ARG C 226 6.30 -13.20 -12.09
CA ARG C 226 6.74 -14.28 -11.22
C ARG C 226 6.36 -13.93 -9.78
N ASP C 227 6.84 -14.73 -8.82
CA ASP C 227 6.60 -14.48 -7.41
C ASP C 227 7.71 -13.63 -6.83
N THR C 228 7.35 -12.79 -5.86
CA THR C 228 8.35 -11.90 -5.29
C THR C 228 9.21 -12.65 -4.27
N PRO C 229 10.53 -12.45 -4.31
CA PRO C 229 11.43 -13.14 -3.38
C PRO C 229 11.70 -12.34 -2.10
N PHE C 230 10.64 -11.84 -1.48
CA PHE C 230 10.75 -11.08 -0.23
C PHE C 230 10.01 -11.75 0.91
N ILE C 231 8.72 -12.01 0.74
CA ILE C 231 7.89 -12.57 1.79
C ILE C 231 8.02 -14.08 1.80
N THR C 232 8.24 -14.64 2.99
CA THR C 232 8.33 -16.07 3.21
C THR C 232 7.48 -16.43 4.40
N GLN C 233 6.41 -17.18 4.18
CA GLN C 233 5.61 -17.72 5.26
C GLN C 233 5.70 -19.23 5.25
N GLN C 234 5.44 -19.83 6.41
CA GLN C 234 5.51 -21.27 6.58
C GLN C 234 4.13 -21.89 6.68
N ALA C 235 3.31 -21.44 7.62
CA ALA C 235 1.96 -21.94 7.80
C ALA C 235 0.96 -20.83 7.48
N LEU C 236 -0.31 -21.20 7.49
CA LEU C 236 -1.38 -20.24 7.20
C LEU C 236 -1.53 -19.26 8.34
N PHE C 237 -1.60 -17.97 8.00
CA PHE C 237 -1.77 -16.91 8.98
C PHE C 237 -3.14 -17.05 9.64
N GLN C 238 -3.15 -17.22 10.96
CA GLN C 238 -4.40 -17.41 11.68
C GLN C 238 -4.85 -16.12 12.36
#